data_1V59
#
_entry.id   1V59
#
_cell.length_a   66.600
_cell.length_b   96.400
_cell.length_c   160.100
_cell.angle_alpha   90.00
_cell.angle_beta   90.00
_cell.angle_gamma   90.00
#
_symmetry.space_group_name_H-M   'P 21 21 21'
#
loop_
_entity.id
_entity.type
_entity.pdbx_description
1 polymer 'Dihydrolipoamide dehydrogenase'
2 non-polymer 'PHOSPHATE ION'
3 non-polymer 'FLAVIN-ADENINE DINUCLEOTIDE'
4 non-polymer NICOTINAMIDE-ADENINE-DINUCLEOTIDE
5 water water
#
_entity_poly.entity_id   1
_entity_poly.type   'polypeptide(L)'
_entity_poly.pdbx_seq_one_letter_code
;TINKSHDVVIIGGGPAGYVAAIKAAQLGFNTACVEKRGKLGGTCLNVGCIPSKALLNNSHLFHQMHTEAQKRGIDVNGDI
KINVANFQKAKDDAVKQLTGGIELLFKKNKVTYYKGNGSFEDETKIRVTPVDGLEGTVKEDHILDVKNIIVATGSEVTPF
PGIEIDEEKIVSSTGALSLKEIPKRLTIIGGGIIGLEMGSVYSRLGSKVTVVEFQPQIGASMDGEVAKATQKFLKKQGLD
FKLSTKVISAKRNDDKNVVEIVVEDTKTNKQENLEAEVLLVAVGRRPYIAGLGAEKIGLEVDKRGRLVIDDQFNSKFPHI
KVVGDVTFGPMLAHKAEEEGIAAVEMLKTGHGHVNYNNIPSVMYSHPEVAWVGKTEEQLKEAGIDYKIGKFPFAANSRAK
TNQDTEGFVKILIDSKTERILGAHIIGPNAGEMIAEAGLALEYGASAEDVARVCHAHPTLSEAFKEANMAAYDKAIHC
;
_entity_poly.pdbx_strand_id   A,B
#
# COMPACT_ATOMS: atom_id res chain seq x y z
N THR A 1 44.71 2.35 -28.77
CA THR A 1 44.22 1.73 -27.50
C THR A 1 44.50 2.64 -26.30
N ILE A 2 43.43 3.02 -25.61
CA ILE A 2 43.53 3.88 -24.43
C ILE A 2 43.63 3.01 -23.18
N ASN A 3 44.38 3.48 -22.18
CA ASN A 3 44.54 2.73 -20.93
C ASN A 3 44.07 3.55 -19.73
N LYS A 4 43.43 2.86 -18.79
CA LYS A 4 42.91 3.49 -17.58
C LYS A 4 43.03 2.53 -16.39
N SER A 5 43.10 3.10 -15.19
CA SER A 5 43.17 2.30 -13.98
C SER A 5 41.97 2.62 -13.10
N HIS A 6 41.35 1.58 -12.54
CA HIS A 6 40.18 1.73 -11.68
C HIS A 6 40.21 0.71 -10.56
N ASP A 7 39.69 1.10 -9.40
CA ASP A 7 39.63 0.20 -8.26
C ASP A 7 38.65 -0.94 -8.57
N VAL A 8 37.47 -0.57 -9.10
CA VAL A 8 36.45 -1.56 -9.43
C VAL A 8 35.82 -1.31 -10.80
N VAL A 9 35.67 -2.36 -11.59
CA VAL A 9 35.04 -2.21 -12.89
C VAL A 9 33.83 -3.15 -12.96
N ILE A 10 32.68 -2.59 -13.29
CA ILE A 10 31.44 -3.36 -13.36
C ILE A 10 30.96 -3.51 -14.79
N ILE A 11 30.73 -4.75 -15.20
CA ILE A 11 30.24 -5.03 -16.54
C ILE A 11 28.73 -5.22 -16.49
N GLY A 12 27.99 -4.21 -16.96
CA GLY A 12 26.54 -4.26 -16.96
C GLY A 12 25.97 -3.13 -16.12
N GLY A 13 25.01 -2.40 -16.70
CA GLY A 13 24.39 -1.30 -15.99
C GLY A 13 22.95 -1.55 -15.55
N GLY A 14 22.61 -2.82 -15.35
CA GLY A 14 21.27 -3.15 -14.90
C GLY A 14 21.17 -2.95 -13.40
N PRO A 15 20.03 -3.32 -12.79
CA PRO A 15 19.83 -3.17 -11.35
C PRO A 15 21.02 -3.58 -10.48
N ALA A 16 21.59 -4.76 -10.76
CA ALA A 16 22.73 -5.24 -9.98
C ALA A 16 23.98 -4.41 -10.23
N GLY A 17 24.30 -4.18 -11.50
CA GLY A 17 25.48 -3.43 -11.87
C GLY A 17 25.52 -1.93 -11.57
N TYR A 18 24.50 -1.19 -11.97
CA TYR A 18 24.51 0.25 -11.73
C TYR A 18 24.42 0.59 -10.24
N VAL A 19 23.75 -0.27 -9.47
CA VAL A 19 23.63 -0.05 -8.03
C VAL A 19 24.97 -0.39 -7.38
N ALA A 20 25.66 -1.37 -7.95
CA ALA A 20 26.97 -1.76 -7.44
C ALA A 20 27.92 -0.57 -7.67
N ALA A 21 27.82 0.02 -8.85
CA ALA A 21 28.66 1.16 -9.21
C ALA A 21 28.46 2.29 -8.21
N ILE A 22 27.20 2.67 -8.02
CA ILE A 22 26.88 3.73 -7.08
C ILE A 22 27.42 3.44 -5.68
N LYS A 23 27.20 2.21 -5.21
CA LYS A 23 27.66 1.79 -3.89
C LYS A 23 29.18 1.82 -3.79
N ALA A 24 29.85 1.24 -4.78
CA ALA A 24 31.31 1.22 -4.80
C ALA A 24 31.82 2.65 -4.70
N ALA A 25 31.22 3.56 -5.47
CA ALA A 25 31.63 4.95 -5.45
C ALA A 25 31.44 5.54 -4.05
N GLN A 26 30.27 5.32 -3.47
CA GLN A 26 29.99 5.85 -2.14
C GLN A 26 30.98 5.31 -1.12
N LEU A 27 31.41 4.07 -1.29
CA LEU A 27 32.36 3.46 -0.35
C LEU A 27 33.81 3.87 -0.64
N GLY A 28 33.99 4.94 -1.41
CA GLY A 28 35.32 5.43 -1.71
C GLY A 28 36.15 4.70 -2.78
N PHE A 29 35.51 3.88 -3.60
CA PHE A 29 36.22 3.17 -4.67
C PHE A 29 36.23 3.95 -5.98
N ASN A 30 37.33 3.85 -6.73
CA ASN A 30 37.42 4.50 -8.03
C ASN A 30 36.61 3.53 -8.88
N THR A 31 35.41 3.95 -9.27
CA THR A 31 34.50 3.08 -9.99
C THR A 31 34.18 3.40 -11.45
N ALA A 32 34.03 2.34 -12.23
CA ALA A 32 33.68 2.43 -13.64
C ALA A 32 32.63 1.38 -13.99
N CYS A 33 31.71 1.74 -14.87
CA CYS A 33 30.65 0.82 -15.28
C CYS A 33 30.59 0.76 -16.81
N VAL A 34 30.52 -0.46 -17.34
CA VAL A 34 30.46 -0.65 -18.79
C VAL A 34 29.11 -1.18 -19.22
N GLU A 35 28.44 -0.45 -20.11
CA GLU A 35 27.13 -0.84 -20.61
C GLU A 35 27.06 -0.59 -22.12
N LYS A 36 26.58 -1.60 -22.86
CA LYS A 36 26.49 -1.52 -24.31
C LYS A 36 25.18 -1.09 -24.96
N ARG A 37 24.06 -1.14 -24.24
CA ARG A 37 22.79 -0.79 -24.86
C ARG A 37 22.49 0.68 -25.16
N GLY A 38 23.09 1.59 -24.41
CA GLY A 38 22.84 3.00 -24.67
C GLY A 38 22.09 3.70 -23.56
N LYS A 39 21.61 2.92 -22.59
CA LYS A 39 20.90 3.47 -21.45
C LYS A 39 21.22 2.58 -20.26
N LEU A 40 21.19 3.14 -19.06
CA LEU A 40 21.45 2.38 -17.86
C LEU A 40 20.11 1.80 -17.40
N GLY A 41 20.12 0.93 -16.40
CA GLY A 41 18.87 0.35 -15.92
C GLY A 41 18.60 -1.05 -16.44
N GLY A 42 19.42 -1.49 -17.40
CA GLY A 42 19.30 -2.83 -17.96
C GLY A 42 17.94 -3.30 -18.44
N THR A 43 17.65 -4.57 -18.17
CA THR A 43 16.38 -5.19 -18.57
C THR A 43 15.18 -4.52 -17.89
N CYS A 44 15.25 -4.38 -16.59
CA CYS A 44 14.19 -3.80 -15.77
C CYS A 44 13.65 -2.47 -16.26
N LEU A 45 14.51 -1.48 -16.34
CA LEU A 45 14.11 -0.16 -16.75
C LEU A 45 13.77 0.03 -18.23
N ASN A 46 14.50 -0.63 -19.12
CA ASN A 46 14.26 -0.46 -20.55
C ASN A 46 13.27 -1.42 -21.22
N VAL A 47 13.21 -2.68 -20.78
CA VAL A 47 12.27 -3.61 -21.41
C VAL A 47 11.72 -4.62 -20.41
N GLY A 48 11.60 -4.21 -19.15
CA GLY A 48 11.11 -5.13 -18.15
C GLY A 48 10.14 -4.57 -17.15
N CYS A 49 10.58 -4.52 -15.89
CA CYS A 49 9.77 -4.04 -14.77
C CYS A 49 8.97 -2.78 -15.06
N ILE A 50 9.71 -1.69 -15.31
CA ILE A 50 9.14 -0.38 -15.55
C ILE A 50 8.12 -0.33 -16.69
N PRO A 51 8.54 -0.68 -17.92
CA PRO A 51 7.57 -0.65 -19.03
C PRO A 51 6.30 -1.48 -18.71
N SER A 52 6.49 -2.68 -18.16
CA SER A 52 5.33 -3.51 -17.85
C SER A 52 4.39 -2.88 -16.82
N LYS A 53 4.96 -2.35 -15.72
CA LYS A 53 4.15 -1.71 -14.69
C LYS A 53 3.39 -0.51 -15.23
N ALA A 54 4.00 0.19 -16.18
CA ALA A 54 3.37 1.35 -16.78
C ALA A 54 2.13 0.89 -17.56
N LEU A 55 2.29 -0.12 -18.40
CA LEU A 55 1.17 -0.64 -19.18
C LEU A 55 0.08 -1.20 -18.26
N LEU A 56 0.50 -1.87 -17.20
CA LEU A 56 -0.45 -2.44 -16.26
C LEU A 56 -1.27 -1.35 -15.55
N ASN A 57 -0.61 -0.30 -15.09
CA ASN A 57 -1.30 0.78 -14.38
C ASN A 57 -2.28 1.51 -15.29
N ASN A 58 -1.83 1.88 -16.47
CA ASN A 58 -2.69 2.60 -17.38
C ASN A 58 -3.84 1.74 -17.91
N SER A 59 -3.58 0.46 -18.19
CA SER A 59 -4.65 -0.41 -18.67
C SER A 59 -5.65 -0.66 -17.53
N HIS A 60 -5.16 -0.65 -16.29
CA HIS A 60 -6.04 -0.86 -15.14
C HIS A 60 -7.05 0.29 -15.07
N LEU A 61 -6.57 1.51 -15.23
CA LEU A 61 -7.44 2.69 -15.21
C LEU A 61 -8.48 2.61 -16.35
N PHE A 62 -8.02 2.24 -17.54
CA PHE A 62 -8.91 2.11 -18.70
C PHE A 62 -10.04 1.14 -18.37
N HIS A 63 -9.67 0.03 -17.75
CA HIS A 63 -10.63 -0.99 -17.36
C HIS A 63 -11.61 -0.42 -16.32
N GLN A 64 -11.09 0.34 -15.38
CA GLN A 64 -11.92 0.96 -14.34
C GLN A 64 -12.94 1.95 -14.89
N MET A 65 -12.51 2.76 -15.86
CA MET A 65 -13.40 3.77 -16.45
C MET A 65 -14.51 3.11 -17.26
N HIS A 66 -14.25 1.90 -17.74
CA HIS A 66 -15.21 1.15 -18.53
C HIS A 66 -16.18 0.35 -17.67
N THR A 67 -15.68 -0.24 -16.59
CA THR A 67 -16.50 -1.10 -15.75
C THR A 67 -16.76 -0.68 -14.29
N GLU A 68 -15.91 0.16 -13.72
CA GLU A 68 -16.08 0.54 -12.32
C GLU A 68 -16.59 1.95 -12.04
N ALA A 69 -16.64 2.79 -13.07
CA ALA A 69 -17.07 4.18 -12.89
C ALA A 69 -18.51 4.40 -12.40
N GLN A 70 -19.48 3.85 -13.13
CA GLN A 70 -20.89 4.02 -12.82
C GLN A 70 -21.27 3.74 -11.36
N LYS A 71 -20.93 2.55 -10.87
CA LYS A 71 -21.25 2.16 -9.49
C LYS A 71 -20.55 3.03 -8.44
N ARG A 72 -19.63 3.88 -8.88
CA ARG A 72 -18.94 4.76 -7.95
C ARG A 72 -19.50 6.17 -8.01
N GLY A 73 -20.57 6.33 -8.79
CA GLY A 73 -21.19 7.64 -8.92
C GLY A 73 -20.56 8.48 -10.02
N ILE A 74 -19.83 7.84 -10.93
CA ILE A 74 -19.19 8.57 -12.03
C ILE A 74 -19.80 8.15 -13.38
N ASP A 75 -20.48 9.08 -14.03
CA ASP A 75 -21.08 8.78 -15.32
C ASP A 75 -20.13 9.16 -16.45
N VAL A 76 -19.71 8.16 -17.21
CA VAL A 76 -18.79 8.37 -18.33
C VAL A 76 -19.52 7.96 -19.60
N ASN A 77 -20.07 8.93 -20.33
CA ASN A 77 -20.78 8.63 -21.57
C ASN A 77 -19.92 8.85 -22.81
N GLY A 78 -20.28 8.20 -23.90
CA GLY A 78 -19.51 8.33 -25.12
C GLY A 78 -18.48 7.23 -25.16
N ASP A 79 -17.85 7.01 -26.32
CA ASP A 79 -16.85 5.96 -26.43
C ASP A 79 -15.66 6.23 -25.51
N ILE A 80 -15.15 5.17 -24.92
CA ILE A 80 -13.98 5.24 -24.06
C ILE A 80 -13.00 4.35 -24.80
N LYS A 81 -12.05 4.95 -25.51
CA LYS A 81 -11.10 4.15 -26.26
C LYS A 81 -9.65 4.45 -25.95
N ILE A 82 -8.81 3.43 -26.12
CA ILE A 82 -7.40 3.57 -25.87
C ILE A 82 -6.72 4.23 -27.04
N ASN A 83 -5.82 5.16 -26.74
CA ASN A 83 -5.04 5.86 -27.74
C ASN A 83 -3.68 5.15 -27.66
N VAL A 84 -3.47 4.14 -28.49
CA VAL A 84 -2.23 3.39 -28.47
C VAL A 84 -0.96 4.23 -28.46
N ALA A 85 -0.91 5.24 -29.34
CA ALA A 85 0.25 6.11 -29.41
C ALA A 85 0.52 6.78 -28.06
N ASN A 86 -0.52 7.37 -27.48
CA ASN A 86 -0.39 8.05 -26.20
C ASN A 86 -0.16 7.05 -25.06
N PHE A 87 -0.78 5.88 -25.18
CA PHE A 87 -0.62 4.81 -24.19
C PHE A 87 0.87 4.43 -24.19
N GLN A 88 1.43 4.29 -25.39
CA GLN A 88 2.85 3.96 -25.54
C GLN A 88 3.75 5.10 -25.05
N LYS A 89 3.34 6.32 -25.35
CA LYS A 89 4.12 7.48 -24.95
C LYS A 89 4.21 7.60 -23.43
N ALA A 90 3.10 7.39 -22.75
CA ALA A 90 3.09 7.48 -21.29
C ALA A 90 4.16 6.54 -20.72
N LYS A 91 4.27 5.36 -21.31
CA LYS A 91 5.27 4.37 -20.88
C LYS A 91 6.69 4.79 -21.23
N ASP A 92 6.88 5.21 -22.48
CA ASP A 92 8.20 5.64 -22.97
C ASP A 92 8.74 6.84 -22.20
N ASP A 93 7.85 7.74 -21.78
CA ASP A 93 8.26 8.92 -21.02
C ASP A 93 8.78 8.54 -19.63
N ALA A 94 8.12 7.60 -18.97
CA ALA A 94 8.55 7.15 -17.65
C ALA A 94 9.91 6.47 -17.72
N VAL A 95 10.14 5.71 -18.79
CA VAL A 95 11.41 5.02 -18.96
C VAL A 95 12.51 6.05 -19.26
N LYS A 96 12.20 7.03 -20.10
CA LYS A 96 13.18 8.06 -20.44
C LYS A 96 13.62 8.85 -19.21
N GLN A 97 12.67 9.15 -18.33
CA GLN A 97 12.97 9.90 -17.12
C GLN A 97 13.81 9.09 -16.14
N LEU A 98 13.46 7.82 -15.98
CA LEU A 98 14.18 6.93 -15.07
C LEU A 98 15.59 6.62 -15.55
N THR A 99 15.77 6.46 -16.86
CA THR A 99 17.09 6.17 -17.39
C THR A 99 17.95 7.41 -17.26
N GLY A 100 17.33 8.56 -17.49
CA GLY A 100 18.05 9.82 -17.37
C GLY A 100 18.44 10.01 -15.92
N GLY A 101 17.56 9.55 -15.02
CA GLY A 101 17.80 9.67 -13.60
C GLY A 101 19.05 8.93 -13.13
N ILE A 102 19.23 7.69 -13.59
CA ILE A 102 20.38 6.90 -13.18
C ILE A 102 21.68 7.59 -13.61
N GLU A 103 21.68 8.19 -14.80
CA GLU A 103 22.87 8.87 -15.28
C GLU A 103 23.21 10.06 -14.38
N LEU A 104 22.19 10.69 -13.80
CA LEU A 104 22.44 11.80 -12.88
C LEU A 104 23.06 11.22 -11.61
N LEU A 105 22.60 10.05 -11.20
CA LEU A 105 23.14 9.40 -10.02
C LEU A 105 24.62 9.06 -10.28
N PHE A 106 24.94 8.68 -11.51
CA PHE A 106 26.33 8.37 -11.86
C PHE A 106 27.20 9.63 -11.80
N LYS A 107 26.70 10.72 -12.37
CA LYS A 107 27.46 11.97 -12.34
C LYS A 107 27.66 12.38 -10.88
N LYS A 108 26.56 12.44 -10.13
CA LYS A 108 26.63 12.84 -8.73
C LYS A 108 27.64 12.02 -7.93
N ASN A 109 27.66 10.71 -8.15
CA ASN A 109 28.57 9.82 -7.42
C ASN A 109 29.94 9.65 -8.07
N LYS A 110 30.19 10.39 -9.16
CA LYS A 110 31.46 10.33 -9.86
C LYS A 110 31.83 8.94 -10.38
N VAL A 111 30.86 8.25 -10.98
CA VAL A 111 31.11 6.91 -11.54
C VAL A 111 31.49 7.07 -13.01
N THR A 112 32.60 6.45 -13.40
CA THR A 112 33.04 6.53 -14.79
C THR A 112 32.13 5.61 -15.60
N TYR A 113 31.42 6.19 -16.57
CA TYR A 113 30.48 5.44 -17.38
C TYR A 113 31.00 5.23 -18.79
N TYR A 114 31.35 3.98 -19.09
CA TYR A 114 31.85 3.63 -20.41
C TYR A 114 30.74 3.03 -21.27
N LYS A 115 30.46 3.66 -22.39
CA LYS A 115 29.44 3.15 -23.30
C LYS A 115 30.11 2.29 -24.35
N GLY A 116 29.94 0.99 -24.23
CA GLY A 116 30.53 0.05 -25.18
C GLY A 116 30.38 -1.36 -24.66
N ASN A 117 31.09 -2.29 -25.28
CA ASN A 117 31.03 -3.69 -24.86
C ASN A 117 32.22 -4.03 -23.98
N GLY A 118 31.95 -4.64 -22.83
CA GLY A 118 33.02 -5.02 -21.93
C GLY A 118 33.34 -6.50 -22.06
N SER A 119 34.62 -6.82 -22.14
CA SER A 119 35.07 -8.20 -22.28
C SER A 119 36.39 -8.41 -21.56
N PHE A 120 36.61 -9.62 -21.06
CA PHE A 120 37.85 -9.92 -20.36
C PHE A 120 39.08 -9.93 -21.27
N GLU A 121 40.08 -9.15 -20.90
CA GLU A 121 41.33 -9.11 -21.68
C GLU A 121 42.12 -10.29 -21.13
N ASP A 122 42.11 -10.40 -19.80
CA ASP A 122 42.77 -11.46 -19.07
C ASP A 122 42.09 -11.47 -17.69
N GLU A 123 42.69 -12.12 -16.71
CA GLU A 123 42.09 -12.18 -15.38
C GLU A 123 41.98 -10.85 -14.64
N THR A 124 42.91 -9.93 -14.88
CA THR A 124 42.86 -8.65 -14.19
C THR A 124 42.68 -7.41 -15.06
N LYS A 125 42.32 -7.61 -16.33
CA LYS A 125 42.14 -6.49 -17.23
C LYS A 125 40.93 -6.67 -18.14
N ILE A 126 40.17 -5.59 -18.31
CA ILE A 126 38.99 -5.62 -19.15
C ILE A 126 39.17 -4.60 -20.26
N ARG A 127 38.71 -4.93 -21.46
CA ARG A 127 38.81 -4.00 -22.56
C ARG A 127 37.41 -3.59 -22.99
N VAL A 128 37.27 -2.31 -23.33
CA VAL A 128 35.99 -1.76 -23.76
C VAL A 128 36.03 -1.53 -25.26
N THR A 129 35.13 -2.19 -25.97
CA THR A 129 35.05 -2.07 -27.41
C THR A 129 33.89 -1.21 -27.85
N PRO A 130 34.10 -0.37 -28.87
CA PRO A 130 33.04 0.51 -29.37
C PRO A 130 31.90 -0.35 -29.92
N VAL A 131 30.69 0.16 -29.84
CA VAL A 131 29.53 -0.57 -30.34
C VAL A 131 29.00 0.09 -31.61
N ASP A 132 28.93 -0.71 -32.66
CA ASP A 132 28.47 -0.28 -33.99
C ASP A 132 27.63 1.00 -34.03
N GLY A 133 26.35 0.92 -33.71
CA GLY A 133 25.53 2.12 -33.76
C GLY A 133 25.18 2.69 -32.40
N LEU A 134 26.10 2.57 -31.44
CA LEU A 134 25.87 3.08 -30.10
C LEU A 134 26.18 4.57 -29.95
N GLU A 135 25.17 5.35 -29.60
CA GLU A 135 25.31 6.78 -29.39
C GLU A 135 26.25 7.02 -28.20
N GLY A 136 27.29 7.83 -28.43
CA GLY A 136 28.24 8.15 -27.37
C GLY A 136 29.23 7.05 -27.01
N THR A 137 29.30 6.01 -27.83
CA THR A 137 30.23 4.90 -27.58
C THR A 137 31.68 5.35 -27.60
N VAL A 138 32.57 4.57 -26.97
CA VAL A 138 33.98 4.89 -26.98
C VAL A 138 34.43 4.87 -28.44
N LYS A 139 35.27 5.82 -28.82
CA LYS A 139 35.74 5.90 -30.20
C LYS A 139 36.93 4.99 -30.48
N GLU A 140 37.57 4.56 -29.40
CA GLU A 140 38.74 3.71 -29.50
C GLU A 140 38.68 2.68 -28.39
N ASP A 141 39.30 1.52 -28.60
CA ASP A 141 39.31 0.47 -27.58
C ASP A 141 40.01 0.97 -26.33
N HIS A 142 39.54 0.52 -25.18
CA HIS A 142 40.15 0.90 -23.91
C HIS A 142 40.56 -0.36 -23.18
N ILE A 143 41.63 -0.26 -22.40
CA ILE A 143 42.07 -1.39 -21.60
C ILE A 143 42.07 -0.89 -20.18
N LEU A 144 41.20 -1.47 -19.36
CA LEU A 144 41.09 -1.07 -17.98
C LEU A 144 41.82 -2.06 -17.09
N ASP A 145 42.80 -1.57 -16.33
CA ASP A 145 43.52 -2.45 -15.42
C ASP A 145 42.82 -2.21 -14.09
N VAL A 146 42.27 -3.27 -13.52
CA VAL A 146 41.51 -3.16 -12.29
C VAL A 146 41.86 -4.14 -11.19
N LYS A 147 41.58 -3.73 -9.95
CA LYS A 147 41.84 -4.56 -8.78
C LYS A 147 40.67 -5.52 -8.57
N ASN A 148 39.45 -5.05 -8.83
CA ASN A 148 38.26 -5.89 -8.65
C ASN A 148 37.25 -5.76 -9.78
N ILE A 149 36.86 -6.90 -10.33
CA ILE A 149 35.89 -6.92 -11.42
C ILE A 149 34.57 -7.52 -10.95
N ILE A 150 33.46 -6.86 -11.30
CA ILE A 150 32.12 -7.33 -10.94
C ILE A 150 31.31 -7.58 -12.22
N VAL A 151 30.96 -8.84 -12.45
CA VAL A 151 30.17 -9.21 -13.62
C VAL A 151 28.67 -9.13 -13.34
N ALA A 152 27.95 -8.40 -14.18
CA ALA A 152 26.50 -8.24 -14.02
C ALA A 152 25.87 -8.11 -15.41
N THR A 153 26.20 -9.06 -16.28
CA THR A 153 25.71 -9.07 -17.66
C THR A 153 24.25 -9.45 -17.84
N GLY A 154 23.58 -9.77 -16.75
CA GLY A 154 22.16 -10.09 -16.79
C GLY A 154 21.63 -11.29 -17.56
N SER A 155 20.47 -11.08 -18.18
CA SER A 155 19.78 -12.13 -18.93
C SER A 155 19.15 -11.65 -20.23
N GLU A 156 18.51 -12.60 -20.91
CA GLU A 156 17.83 -12.35 -22.19
C GLU A 156 16.64 -13.31 -22.30
N VAL A 157 15.79 -13.05 -23.29
CA VAL A 157 14.63 -13.89 -23.54
C VAL A 157 15.07 -15.29 -23.96
N THR A 158 14.47 -16.31 -23.36
CA THR A 158 14.77 -17.69 -23.71
C THR A 158 14.02 -17.98 -25.00
N PRO A 159 14.74 -18.25 -26.08
CA PRO A 159 14.06 -18.54 -27.35
C PRO A 159 13.42 -19.92 -27.40
N PHE A 160 12.50 -20.10 -28.33
CA PHE A 160 11.83 -21.37 -28.52
C PHE A 160 12.28 -21.86 -29.89
N PRO A 161 13.12 -22.90 -29.92
CA PRO A 161 13.60 -23.42 -31.21
C PRO A 161 12.49 -23.75 -32.20
N GLY A 162 12.63 -23.25 -33.43
CA GLY A 162 11.64 -23.50 -34.46
C GLY A 162 10.65 -22.38 -34.64
N ILE A 163 10.53 -21.51 -33.64
CA ILE A 163 9.60 -20.40 -33.72
C ILE A 163 10.42 -19.12 -33.83
N GLU A 164 10.20 -18.36 -34.89
CA GLU A 164 10.96 -17.13 -35.07
C GLU A 164 10.27 -15.91 -34.53
N ILE A 165 10.91 -15.27 -33.57
CA ILE A 165 10.40 -14.07 -32.94
C ILE A 165 10.79 -12.88 -33.81
N ASP A 166 9.79 -12.12 -34.25
CA ASP A 166 10.04 -10.95 -35.10
C ASP A 166 9.59 -9.65 -34.42
N GLU A 167 9.09 -9.76 -33.20
CA GLU A 167 8.63 -8.60 -32.42
C GLU A 167 7.53 -7.81 -33.12
N GLU A 168 6.86 -8.45 -34.06
CA GLU A 168 5.77 -7.83 -34.81
C GLU A 168 4.51 -8.67 -34.63
N LYS A 169 4.56 -9.92 -35.12
CA LYS A 169 3.45 -10.86 -35.00
C LYS A 169 3.75 -11.91 -33.96
N ILE A 170 4.98 -12.41 -33.98
CA ILE A 170 5.44 -13.38 -33.01
C ILE A 170 6.40 -12.54 -32.19
N VAL A 171 6.01 -12.24 -30.95
CA VAL A 171 6.83 -11.38 -30.10
C VAL A 171 7.27 -11.96 -28.77
N SER A 172 8.29 -11.32 -28.21
CA SER A 172 8.78 -11.69 -26.89
C SER A 172 8.20 -10.58 -26.01
N SER A 173 8.49 -10.60 -24.72
CA SER A 173 7.99 -9.55 -23.84
C SER A 173 8.33 -8.17 -24.41
N THR A 174 9.52 -8.04 -24.99
CA THR A 174 9.94 -6.77 -25.57
C THR A 174 8.97 -6.29 -26.66
N GLY A 175 8.61 -7.18 -27.58
CA GLY A 175 7.68 -6.80 -28.63
C GLY A 175 6.28 -6.54 -28.08
N ALA A 176 5.89 -7.28 -27.04
CA ALA A 176 4.57 -7.11 -26.45
C ALA A 176 4.42 -5.74 -25.80
N LEU A 177 5.50 -5.27 -25.19
CA LEU A 177 5.50 -3.97 -24.51
C LEU A 177 5.38 -2.79 -25.46
N SER A 178 5.57 -3.02 -26.76
CA SER A 178 5.50 -1.95 -27.74
C SER A 178 4.54 -2.19 -28.91
N LEU A 179 3.56 -3.08 -28.74
CA LEU A 179 2.61 -3.35 -29.81
C LEU A 179 1.99 -2.04 -30.29
N LYS A 180 1.98 -1.83 -31.61
CA LYS A 180 1.45 -0.61 -32.22
C LYS A 180 -0.07 -0.62 -32.32
N GLU A 181 -0.69 -1.77 -32.12
CA GLU A 181 -2.14 -1.88 -32.18
C GLU A 181 -2.56 -3.03 -31.29
N ILE A 182 -3.76 -2.94 -30.75
CA ILE A 182 -4.28 -3.98 -29.88
C ILE A 182 -4.73 -5.14 -30.74
N PRO A 183 -4.07 -6.29 -30.62
CA PRO A 183 -4.39 -7.50 -31.39
C PRO A 183 -5.78 -8.05 -31.04
N LYS A 184 -6.55 -8.40 -32.06
CA LYS A 184 -7.90 -8.95 -31.86
C LYS A 184 -7.76 -10.17 -30.96
N ARG A 185 -6.72 -10.96 -31.24
CA ARG A 185 -6.43 -12.17 -30.47
C ARG A 185 -4.95 -12.18 -30.09
N LEU A 186 -4.70 -12.44 -28.81
CA LEU A 186 -3.34 -12.54 -28.31
C LEU A 186 -3.27 -13.88 -27.62
N THR A 187 -2.39 -14.75 -28.10
CA THR A 187 -2.21 -16.06 -27.50
C THR A 187 -0.81 -16.04 -26.91
N ILE A 188 -0.67 -16.60 -25.72
CA ILE A 188 0.59 -16.58 -25.00
C ILE A 188 1.12 -17.96 -24.61
N ILE A 189 2.39 -18.20 -24.88
CA ILE A 189 3.00 -19.45 -24.50
C ILE A 189 3.69 -19.28 -23.16
N GLY A 190 3.18 -19.99 -22.16
CA GLY A 190 3.76 -19.90 -20.82
C GLY A 190 2.91 -19.04 -19.92
N GLY A 191 2.57 -19.56 -18.74
CA GLY A 191 1.77 -18.82 -17.80
C GLY A 191 2.58 -18.29 -16.62
N GLY A 192 3.80 -17.85 -16.91
CA GLY A 192 4.64 -17.30 -15.87
C GLY A 192 4.17 -15.89 -15.57
N ILE A 193 4.75 -15.24 -14.57
CA ILE A 193 4.38 -13.88 -14.19
C ILE A 193 4.36 -12.94 -15.39
N ILE A 194 5.44 -12.93 -16.17
CA ILE A 194 5.54 -12.09 -17.35
C ILE A 194 4.40 -12.38 -18.34
N GLY A 195 4.17 -13.65 -18.64
CA GLY A 195 3.10 -14.00 -19.56
C GLY A 195 1.74 -13.53 -19.07
N LEU A 196 1.47 -13.75 -17.78
CA LEU A 196 0.22 -13.35 -17.17
C LEU A 196 0.02 -11.83 -17.12
N GLU A 197 1.09 -11.08 -16.90
CA GLU A 197 0.96 -9.62 -16.84
C GLU A 197 0.61 -9.04 -18.21
N MET A 198 1.26 -9.54 -19.25
CA MET A 198 0.99 -9.06 -20.60
C MET A 198 -0.41 -9.49 -21.01
N GLY A 199 -0.83 -10.67 -20.56
CA GLY A 199 -2.15 -11.15 -20.89
C GLY A 199 -3.20 -10.25 -20.28
N SER A 200 -2.96 -9.84 -19.03
CA SER A 200 -3.90 -8.99 -18.31
C SER A 200 -3.99 -7.64 -18.99
N VAL A 201 -2.84 -7.10 -19.40
CA VAL A 201 -2.82 -5.80 -20.05
C VAL A 201 -3.69 -5.74 -21.30
N TYR A 202 -3.45 -6.63 -22.26
CA TYR A 202 -4.21 -6.59 -23.49
C TYR A 202 -5.64 -7.08 -23.39
N SER A 203 -5.89 -7.97 -22.42
CA SER A 203 -7.24 -8.45 -22.21
C SER A 203 -8.08 -7.24 -21.77
N ARG A 204 -7.51 -6.40 -20.92
CA ARG A 204 -8.21 -5.20 -20.44
C ARG A 204 -8.45 -4.26 -21.62
N LEU A 205 -7.52 -4.28 -22.56
CA LEU A 205 -7.60 -3.41 -23.72
C LEU A 205 -8.51 -3.95 -24.85
N GLY A 206 -9.01 -5.18 -24.70
CA GLY A 206 -9.90 -5.71 -25.72
C GLY A 206 -9.49 -6.97 -26.46
N SER A 207 -8.23 -7.38 -26.32
CA SER A 207 -7.75 -8.60 -26.97
C SER A 207 -8.41 -9.83 -26.36
N LYS A 208 -8.61 -10.86 -27.18
CA LYS A 208 -9.14 -12.13 -26.68
C LYS A 208 -7.85 -12.87 -26.35
N VAL A 209 -7.56 -12.99 -25.07
CA VAL A 209 -6.33 -13.63 -24.61
C VAL A 209 -6.45 -15.12 -24.26
N THR A 210 -5.45 -15.88 -24.70
CA THR A 210 -5.39 -17.32 -24.43
C THR A 210 -3.99 -17.63 -23.90
N VAL A 211 -3.92 -18.27 -22.74
CA VAL A 211 -2.65 -18.65 -22.14
C VAL A 211 -2.43 -20.16 -22.26
N VAL A 212 -1.37 -20.56 -22.95
CA VAL A 212 -1.05 -21.97 -23.10
C VAL A 212 0.06 -22.27 -22.11
N GLU A 213 -0.20 -23.18 -21.18
CA GLU A 213 0.77 -23.53 -20.14
C GLU A 213 1.02 -25.03 -20.05
N PHE A 214 2.30 -25.41 -20.01
CA PHE A 214 2.70 -26.81 -19.94
C PHE A 214 2.29 -27.47 -18.63
N GLN A 215 2.50 -26.76 -17.52
CA GLN A 215 2.17 -27.28 -16.20
C GLN A 215 0.65 -27.33 -15.97
N PRO A 216 0.22 -27.95 -14.86
CA PRO A 216 -1.20 -28.06 -14.54
C PRO A 216 -1.76 -26.79 -13.89
N GLN A 217 -0.88 -25.84 -13.56
CA GLN A 217 -1.27 -24.58 -12.95
C GLN A 217 -0.34 -23.46 -13.42
N ILE A 218 -0.73 -22.22 -13.18
CA ILE A 218 0.06 -21.06 -13.60
C ILE A 218 0.87 -20.48 -12.44
N GLY A 219 1.56 -19.37 -12.71
CA GLY A 219 2.34 -18.71 -11.68
C GLY A 219 3.78 -19.17 -11.52
N ALA A 220 4.04 -20.44 -11.88
CA ALA A 220 5.38 -21.02 -11.79
C ALA A 220 5.81 -21.40 -10.38
N SER A 221 5.92 -20.42 -9.48
CA SER A 221 6.38 -20.72 -8.12
C SER A 221 5.47 -20.28 -6.98
N MET A 222 4.21 -20.00 -7.29
CA MET A 222 3.26 -19.58 -6.27
C MET A 222 2.84 -20.70 -5.33
N ASP A 223 2.24 -20.33 -4.21
CA ASP A 223 1.73 -21.30 -3.26
C ASP A 223 0.55 -21.95 -4.00
N GLY A 224 0.33 -23.23 -3.75
CA GLY A 224 -0.76 -23.93 -4.42
C GLY A 224 -2.10 -23.23 -4.47
N GLU A 225 -2.62 -22.88 -3.30
CA GLU A 225 -3.91 -22.21 -3.23
C GLU A 225 -3.88 -20.87 -3.96
N VAL A 226 -2.77 -20.14 -3.85
CA VAL A 226 -2.66 -18.85 -4.52
C VAL A 226 -2.69 -19.02 -6.03
N ALA A 227 -2.00 -20.03 -6.55
CA ALA A 227 -1.97 -20.29 -7.99
C ALA A 227 -3.39 -20.54 -8.51
N LYS A 228 -4.15 -21.38 -7.79
CA LYS A 228 -5.50 -21.67 -8.20
C LYS A 228 -6.40 -20.43 -8.14
N ALA A 229 -6.35 -19.68 -7.05
CA ALA A 229 -7.18 -18.49 -6.95
C ALA A 229 -6.75 -17.45 -8.00
N THR A 230 -5.45 -17.42 -8.31
CA THR A 230 -4.95 -16.47 -9.30
C THR A 230 -5.52 -16.79 -10.67
N GLN A 231 -5.55 -18.07 -11.03
CA GLN A 231 -6.10 -18.48 -12.31
C GLN A 231 -7.58 -18.16 -12.38
N LYS A 232 -8.26 -18.30 -11.25
CA LYS A 232 -9.69 -18.03 -11.17
C LYS A 232 -10.05 -16.56 -11.38
N PHE A 233 -9.34 -15.63 -10.74
CA PHE A 233 -9.70 -14.23 -10.96
C PHE A 233 -9.23 -13.74 -12.33
N LEU A 234 -8.16 -14.34 -12.87
CA LEU A 234 -7.70 -13.94 -14.21
C LEU A 234 -8.70 -14.49 -15.22
N LYS A 235 -9.23 -15.67 -14.95
CA LYS A 235 -10.22 -16.28 -15.84
C LYS A 235 -11.49 -15.43 -15.80
N LYS A 236 -11.81 -14.92 -14.62
CA LYS A 236 -12.99 -14.09 -14.44
C LYS A 236 -12.82 -12.76 -15.17
N GLN A 237 -11.58 -12.32 -15.32
CA GLN A 237 -11.31 -11.05 -16.00
C GLN A 237 -11.25 -11.22 -17.53
N GLY A 238 -11.45 -12.44 -18.01
CA GLY A 238 -11.45 -12.67 -19.44
C GLY A 238 -10.37 -13.54 -20.06
N LEU A 239 -9.35 -13.91 -19.29
CA LEU A 239 -8.30 -14.75 -19.88
C LEU A 239 -8.72 -16.20 -19.97
N ASP A 240 -8.40 -16.84 -21.09
CA ASP A 240 -8.73 -18.24 -21.32
C ASP A 240 -7.44 -19.03 -21.09
N PHE A 241 -7.54 -20.15 -20.38
CA PHE A 241 -6.36 -20.96 -20.11
C PHE A 241 -6.39 -22.35 -20.70
N LYS A 242 -5.21 -22.80 -21.13
CA LYS A 242 -5.04 -24.13 -21.67
C LYS A 242 -3.87 -24.74 -20.90
N LEU A 243 -4.19 -25.31 -19.74
CA LEU A 243 -3.20 -25.94 -18.87
C LEU A 243 -2.77 -27.33 -19.38
N SER A 244 -1.64 -27.83 -18.89
CA SER A 244 -1.13 -29.14 -19.33
C SER A 244 -1.20 -29.18 -20.84
N THR A 245 -0.64 -28.14 -21.46
CA THR A 245 -0.63 -27.99 -22.90
C THR A 245 0.68 -27.31 -23.29
N LYS A 246 1.42 -27.92 -24.21
CA LYS A 246 2.66 -27.32 -24.65
C LYS A 246 2.59 -26.98 -26.13
N VAL A 247 3.22 -25.87 -26.51
CA VAL A 247 3.22 -25.46 -27.90
C VAL A 247 4.25 -26.31 -28.61
N ILE A 248 3.97 -26.66 -29.87
CA ILE A 248 4.89 -27.45 -30.65
C ILE A 248 5.54 -26.59 -31.72
N SER A 249 4.72 -25.78 -32.37
CA SER A 249 5.22 -24.91 -33.43
C SER A 249 4.28 -23.75 -33.68
N ALA A 250 4.77 -22.77 -34.43
CA ALA A 250 4.00 -21.59 -34.79
C ALA A 250 4.74 -20.86 -35.90
N LYS A 251 3.99 -20.23 -36.79
CA LYS A 251 4.58 -19.48 -37.89
C LYS A 251 3.62 -18.43 -38.43
N ARG A 252 4.18 -17.35 -38.96
CA ARG A 252 3.38 -16.28 -39.54
C ARG A 252 2.75 -16.74 -40.84
N ASN A 253 1.64 -16.09 -41.19
CA ASN A 253 0.93 -16.38 -42.42
C ASN A 253 0.48 -15.01 -42.92
N ASP A 254 1.29 -14.41 -43.78
CA ASP A 254 0.99 -13.08 -44.31
C ASP A 254 -0.24 -13.01 -45.20
N ASP A 255 -0.77 -14.16 -45.58
CA ASP A 255 -1.96 -14.18 -46.41
C ASP A 255 -3.18 -13.88 -45.54
N LYS A 256 -3.35 -14.67 -44.48
CA LYS A 256 -4.47 -14.49 -43.56
C LYS A 256 -4.16 -13.48 -42.46
N ASN A 257 -2.91 -13.00 -42.43
CA ASN A 257 -2.49 -12.05 -41.40
C ASN A 257 -2.79 -12.62 -40.03
N VAL A 258 -2.16 -13.74 -39.72
CA VAL A 258 -2.36 -14.39 -38.44
C VAL A 258 -1.16 -15.32 -38.19
N VAL A 259 -1.05 -15.81 -36.96
CA VAL A 259 0.02 -16.73 -36.63
C VAL A 259 -0.65 -18.08 -36.45
N GLU A 260 -0.14 -19.10 -37.13
CA GLU A 260 -0.71 -20.44 -37.05
C GLU A 260 0.09 -21.19 -36.00
N ILE A 261 -0.60 -21.62 -34.96
CA ILE A 261 0.01 -22.31 -33.84
C ILE A 261 -0.42 -23.77 -33.73
N VAL A 262 0.51 -24.61 -33.27
CA VAL A 262 0.24 -26.02 -33.07
C VAL A 262 0.59 -26.35 -31.62
N VAL A 263 -0.37 -26.92 -30.89
CA VAL A 263 -0.11 -27.26 -29.50
C VAL A 263 -0.45 -28.73 -29.26
N GLU A 264 -0.03 -29.25 -28.11
CA GLU A 264 -0.29 -30.65 -27.78
C GLU A 264 -0.83 -30.82 -26.37
N ASP A 265 -1.99 -31.47 -26.27
CA ASP A 265 -2.61 -31.74 -24.98
C ASP A 265 -1.74 -32.79 -24.29
N THR A 266 -1.06 -32.41 -23.22
CA THR A 266 -0.18 -33.31 -22.50
C THR A 266 -0.86 -34.55 -21.93
N LYS A 267 -2.17 -34.49 -21.73
CA LYS A 267 -2.91 -35.63 -21.19
C LYS A 267 -3.28 -36.65 -22.25
N THR A 268 -3.61 -36.18 -23.45
CA THR A 268 -4.02 -37.06 -24.53
C THR A 268 -2.97 -37.27 -25.63
N ASN A 269 -1.86 -36.56 -25.55
CA ASN A 269 -0.81 -36.67 -26.56
C ASN A 269 -1.34 -36.28 -27.93
N LYS A 270 -2.49 -35.61 -27.99
CA LYS A 270 -3.06 -35.18 -29.26
C LYS A 270 -2.84 -33.68 -29.48
N GLN A 271 -2.59 -33.30 -30.72
CA GLN A 271 -2.33 -31.91 -31.06
C GLN A 271 -3.55 -31.13 -31.54
N GLU A 272 -3.46 -29.81 -31.45
CA GLU A 272 -4.55 -28.93 -31.86
C GLU A 272 -3.98 -27.73 -32.62
N ASN A 273 -4.75 -27.20 -33.56
CA ASN A 273 -4.33 -26.04 -34.33
C ASN A 273 -4.99 -24.80 -33.73
N LEU A 274 -4.19 -23.77 -33.48
CA LEU A 274 -4.67 -22.50 -32.92
C LEU A 274 -4.31 -21.36 -33.86
N GLU A 275 -4.97 -20.22 -33.69
CA GLU A 275 -4.73 -19.07 -34.53
C GLU A 275 -4.84 -17.79 -33.73
N ALA A 276 -3.96 -16.83 -33.99
CA ALA A 276 -3.96 -15.56 -33.26
C ALA A 276 -3.20 -14.47 -34.03
N GLU A 277 -3.70 -13.24 -34.00
CA GLU A 277 -3.03 -12.13 -34.68
C GLU A 277 -1.64 -11.91 -34.12
N VAL A 278 -1.49 -12.18 -32.81
CA VAL A 278 -0.19 -12.03 -32.16
C VAL A 278 0.10 -13.17 -31.18
N LEU A 279 1.32 -13.69 -31.24
CA LEU A 279 1.76 -14.77 -30.37
C LEU A 279 2.87 -14.25 -29.48
N LEU A 280 2.74 -14.44 -28.17
CA LEU A 280 3.77 -14.00 -27.24
C LEU A 280 4.53 -15.22 -26.77
N VAL A 281 5.84 -15.21 -26.96
CA VAL A 281 6.68 -16.33 -26.52
C VAL A 281 7.27 -15.92 -25.17
N ALA A 282 6.80 -16.54 -24.10
CA ALA A 282 7.28 -16.22 -22.75
C ALA A 282 7.59 -17.49 -21.98
N VAL A 283 8.43 -18.33 -22.57
CA VAL A 283 8.79 -19.58 -21.94
C VAL A 283 9.91 -19.40 -20.93
N GLY A 284 10.27 -18.15 -20.66
CA GLY A 284 11.31 -17.90 -19.69
C GLY A 284 12.42 -16.98 -20.14
N ARG A 285 13.37 -16.77 -19.24
CA ARG A 285 14.53 -15.92 -19.52
C ARG A 285 15.78 -16.69 -19.10
N ARG A 286 16.92 -16.38 -19.72
CA ARG A 286 18.17 -17.07 -19.42
C ARG A 286 19.37 -16.13 -19.27
N PRO A 287 20.41 -16.58 -18.55
CA PRO A 287 21.64 -15.82 -18.31
C PRO A 287 22.28 -15.34 -19.61
N TYR A 288 22.95 -14.19 -19.56
CA TYR A 288 23.58 -13.65 -20.76
C TYR A 288 25.07 -13.36 -20.52
N ILE A 289 25.93 -13.95 -21.34
CA ILE A 289 27.38 -13.74 -21.23
C ILE A 289 28.04 -13.61 -22.60
N ALA A 290 27.23 -13.53 -23.65
CA ALA A 290 27.76 -13.41 -25.01
C ALA A 290 28.64 -12.18 -25.16
N GLY A 291 29.81 -12.36 -25.78
CA GLY A 291 30.73 -11.26 -25.99
C GLY A 291 31.46 -10.80 -24.74
N LEU A 292 31.28 -11.52 -23.65
CA LEU A 292 31.91 -11.17 -22.39
C LEU A 292 33.34 -11.73 -22.30
N GLY A 293 33.64 -12.70 -23.18
CA GLY A 293 34.96 -13.29 -23.18
C GLY A 293 35.24 -14.11 -21.93
N ALA A 294 34.18 -14.65 -21.32
CA ALA A 294 34.33 -15.45 -20.11
C ALA A 294 35.11 -16.72 -20.38
N GLU A 295 34.97 -17.25 -21.59
CA GLU A 295 35.66 -18.48 -21.99
C GLU A 295 37.16 -18.24 -22.16
N LYS A 296 37.53 -17.02 -22.55
CA LYS A 296 38.94 -16.68 -22.74
C LYS A 296 39.71 -16.96 -21.45
N ILE A 297 39.17 -16.53 -20.32
CA ILE A 297 39.82 -16.76 -19.03
C ILE A 297 39.27 -17.97 -18.30
N GLY A 298 38.40 -18.72 -18.96
CA GLY A 298 37.84 -19.93 -18.37
C GLY A 298 36.95 -19.83 -17.14
N LEU A 299 35.97 -18.94 -17.18
CA LEU A 299 35.04 -18.79 -16.05
C LEU A 299 34.11 -20.01 -16.03
N GLU A 300 33.72 -20.44 -14.84
CA GLU A 300 32.85 -21.60 -14.71
C GLU A 300 31.38 -21.25 -15.02
N VAL A 301 30.80 -21.99 -15.96
CA VAL A 301 29.41 -21.78 -16.37
C VAL A 301 28.67 -23.12 -16.25
N ASP A 302 27.55 -23.15 -15.53
CA ASP A 302 26.81 -24.41 -15.37
C ASP A 302 25.96 -24.80 -16.58
N LYS A 303 25.27 -25.92 -16.45
CA LYS A 303 24.43 -26.46 -17.52
C LYS A 303 23.25 -25.55 -17.88
N ARG A 304 22.87 -24.67 -16.95
CA ARG A 304 21.76 -23.74 -17.15
C ARG A 304 22.27 -22.47 -17.85
N GLY A 305 23.58 -22.39 -18.03
CA GLY A 305 24.17 -21.23 -18.69
C GLY A 305 24.56 -20.15 -17.70
N ARG A 306 24.44 -20.46 -16.42
CA ARG A 306 24.76 -19.52 -15.36
C ARG A 306 26.23 -19.56 -14.96
N LEU A 307 26.75 -18.40 -14.56
CA LEU A 307 28.13 -18.29 -14.12
C LEU A 307 28.15 -18.74 -12.66
N VAL A 308 28.81 -19.87 -12.39
CA VAL A 308 28.91 -20.40 -11.03
C VAL A 308 29.70 -19.48 -10.12
N ILE A 309 29.22 -19.33 -8.89
CA ILE A 309 29.86 -18.49 -7.88
C ILE A 309 29.83 -19.22 -6.54
N ASP A 310 30.59 -18.71 -5.57
CA ASP A 310 30.57 -19.29 -4.23
C ASP A 310 29.63 -18.39 -3.42
N ASP A 311 29.45 -18.69 -2.15
CA ASP A 311 28.55 -17.89 -1.32
C ASP A 311 29.03 -16.46 -1.15
N GLN A 312 30.15 -16.13 -1.77
CA GLN A 312 30.71 -14.78 -1.66
C GLN A 312 30.64 -14.06 -3.00
N PHE A 313 29.92 -14.66 -3.94
CA PHE A 313 29.76 -14.11 -5.29
C PHE A 313 31.07 -14.21 -6.04
N ASN A 314 32.01 -14.99 -5.52
CA ASN A 314 33.30 -15.15 -6.18
C ASN A 314 33.30 -16.20 -7.28
N SER A 315 33.96 -15.87 -8.39
CA SER A 315 34.10 -16.80 -9.50
C SER A 315 35.32 -17.63 -9.12
N LYS A 316 35.93 -18.31 -10.08
CA LYS A 316 37.12 -19.13 -9.79
C LYS A 316 38.29 -18.19 -9.48
N PHE A 317 38.06 -16.90 -9.70
CA PHE A 317 39.07 -15.88 -9.45
C PHE A 317 38.57 -15.00 -8.30
N PRO A 318 39.30 -15.00 -7.17
CA PRO A 318 38.97 -14.23 -5.97
C PRO A 318 38.58 -12.77 -6.22
N HIS A 319 39.20 -12.15 -7.21
CA HIS A 319 38.92 -10.75 -7.51
C HIS A 319 37.85 -10.56 -8.59
N ILE A 320 37.19 -11.64 -8.98
CA ILE A 320 36.12 -11.54 -9.97
C ILE A 320 34.79 -12.03 -9.41
N LYS A 321 33.94 -11.09 -9.04
CA LYS A 321 32.62 -11.42 -8.48
C LYS A 321 31.53 -11.37 -9.56
N VAL A 322 30.44 -12.10 -9.31
CA VAL A 322 29.32 -12.17 -10.25
C VAL A 322 28.00 -11.94 -9.49
N VAL A 323 27.11 -11.14 -10.07
CA VAL A 323 25.84 -10.84 -9.42
C VAL A 323 24.67 -10.69 -10.39
N GLY A 324 23.45 -10.77 -9.85
CA GLY A 324 22.26 -10.61 -10.67
C GLY A 324 21.74 -11.80 -11.48
N ASP A 325 20.98 -11.48 -12.53
CA ASP A 325 20.37 -12.48 -13.41
C ASP A 325 21.31 -13.47 -14.08
N VAL A 326 22.59 -13.13 -14.20
CA VAL A 326 23.53 -14.03 -14.86
C VAL A 326 23.97 -15.21 -13.96
N THR A 327 23.64 -15.14 -12.67
CA THR A 327 24.03 -16.20 -11.76
C THR A 327 22.83 -16.83 -11.02
N PHE A 328 23.12 -17.52 -9.92
CA PHE A 328 22.09 -18.21 -9.12
C PHE A 328 21.01 -17.33 -8.50
N GLY A 329 19.92 -17.97 -8.06
CA GLY A 329 18.83 -17.27 -7.40
C GLY A 329 17.72 -16.78 -8.30
N PRO A 330 16.61 -16.32 -7.71
CA PRO A 330 15.48 -15.82 -8.51
C PRO A 330 15.86 -14.64 -9.40
N MET A 331 15.31 -14.63 -10.61
CA MET A 331 15.61 -13.56 -11.54
C MET A 331 14.71 -12.34 -11.35
N LEU A 332 14.96 -11.60 -10.28
CA LEU A 332 14.18 -10.40 -9.94
C LEU A 332 15.09 -9.19 -9.72
N ALA A 333 14.56 -7.99 -9.95
CA ALA A 333 15.32 -6.75 -9.82
C ALA A 333 15.81 -6.41 -8.42
N HIS A 334 14.95 -6.57 -7.41
CA HIS A 334 15.36 -6.25 -6.04
C HIS A 334 16.40 -7.25 -5.57
N LYS A 335 16.36 -8.46 -6.11
CA LYS A 335 17.32 -9.49 -5.75
C LYS A 335 18.68 -9.08 -6.33
N ALA A 336 18.66 -8.60 -7.58
CA ALA A 336 19.88 -8.18 -8.26
C ALA A 336 20.54 -7.00 -7.55
N GLU A 337 19.74 -5.99 -7.21
CA GLU A 337 20.27 -4.81 -6.51
C GLU A 337 20.96 -5.23 -5.22
N GLU A 338 20.26 -6.04 -4.43
CA GLU A 338 20.76 -6.52 -3.15
C GLU A 338 22.12 -7.21 -3.29
N GLU A 339 22.27 -7.98 -4.36
CA GLU A 339 23.52 -8.67 -4.59
C GLU A 339 24.59 -7.66 -4.98
N GLY A 340 24.20 -6.68 -5.79
CA GLY A 340 25.15 -5.65 -6.20
C GLY A 340 25.74 -4.97 -4.97
N ILE A 341 24.88 -4.56 -4.05
CA ILE A 341 25.33 -3.90 -2.83
C ILE A 341 26.18 -4.86 -2.00
N ALA A 342 25.72 -6.10 -1.84
CA ALA A 342 26.45 -7.10 -1.08
C ALA A 342 27.86 -7.32 -1.59
N ALA A 343 28.00 -7.50 -2.90
CA ALA A 343 29.30 -7.73 -3.51
C ALA A 343 30.26 -6.60 -3.14
N VAL A 344 29.85 -5.37 -3.42
CA VAL A 344 30.67 -4.19 -3.13
C VAL A 344 31.02 -4.06 -1.66
N GLU A 345 30.05 -4.30 -0.79
CA GLU A 345 30.30 -4.21 0.65
C GLU A 345 31.33 -5.26 1.10
N MET A 346 31.42 -6.36 0.36
CA MET A 346 32.38 -7.41 0.70
C MET A 346 33.78 -6.93 0.33
N LEU A 347 33.87 -6.15 -0.75
CA LEU A 347 35.15 -5.64 -1.21
C LEU A 347 35.66 -4.57 -0.25
N LYS A 348 34.75 -3.98 0.52
CA LYS A 348 35.11 -2.92 1.45
C LYS A 348 35.40 -3.41 2.87
N THR A 349 34.41 -3.99 3.53
CA THR A 349 34.58 -4.48 4.90
C THR A 349 34.93 -5.96 4.95
N GLY A 350 34.84 -6.63 3.81
CA GLY A 350 35.14 -8.06 3.77
C GLY A 350 33.93 -8.92 4.04
N HIS A 351 32.74 -8.32 4.00
CA HIS A 351 31.51 -9.06 4.23
C HIS A 351 30.24 -8.34 3.80
N GLY A 352 29.42 -9.07 3.05
CA GLY A 352 28.14 -8.55 2.58
C GLY A 352 27.09 -9.56 3.01
N HIS A 353 25.84 -9.37 2.61
CA HIS A 353 24.82 -10.33 3.02
C HIS A 353 23.49 -10.22 2.29
N VAL A 354 22.98 -11.37 1.85
CA VAL A 354 21.70 -11.46 1.16
C VAL A 354 20.90 -12.63 1.72
N ASN A 355 19.76 -12.30 2.33
CA ASN A 355 18.88 -13.30 2.91
C ASN A 355 18.01 -13.86 1.78
N TYR A 356 18.44 -14.97 1.20
CA TYR A 356 17.69 -15.59 0.09
C TYR A 356 16.38 -16.24 0.51
N ASN A 357 16.16 -16.33 1.81
CA ASN A 357 14.93 -16.93 2.33
C ASN A 357 13.85 -15.87 2.52
N ASN A 358 14.20 -14.61 2.27
CA ASN A 358 13.25 -13.52 2.43
C ASN A 358 13.27 -12.60 1.22
N ILE A 359 13.13 -13.19 0.04
CA ILE A 359 13.10 -12.44 -1.20
C ILE A 359 11.67 -12.54 -1.72
N PRO A 360 10.93 -11.42 -1.71
CA PRO A 360 9.54 -11.44 -2.18
C PRO A 360 9.40 -11.61 -3.69
N SER A 361 8.21 -12.02 -4.10
CA SER A 361 7.87 -12.21 -5.52
C SER A 361 6.52 -11.55 -5.68
N VAL A 362 6.35 -10.82 -6.78
CA VAL A 362 5.09 -10.12 -6.98
C VAL A 362 4.65 -10.06 -8.44
N MET A 363 3.34 -10.28 -8.64
CA MET A 363 2.75 -10.16 -9.97
C MET A 363 1.89 -8.92 -9.83
N TYR A 364 2.12 -7.93 -10.69
CA TYR A 364 1.39 -6.67 -10.62
C TYR A 364 0.10 -6.58 -11.42
N SER A 365 -0.70 -7.62 -11.31
CA SER A 365 -2.01 -7.66 -11.97
C SER A 365 -2.91 -6.99 -10.95
N HIS A 366 -4.21 -7.07 -11.16
CA HIS A 366 -5.13 -6.50 -10.19
C HIS A 366 -6.33 -7.41 -10.03
N PRO A 367 -6.52 -7.97 -8.82
CA PRO A 367 -5.67 -7.81 -7.64
C PRO A 367 -4.22 -8.24 -7.87
N GLU A 368 -3.31 -7.71 -7.04
CA GLU A 368 -1.91 -8.07 -7.16
C GLU A 368 -1.73 -9.38 -6.40
N VAL A 369 -0.63 -10.07 -6.69
CA VAL A 369 -0.33 -11.32 -6.02
C VAL A 369 1.10 -11.19 -5.49
N ALA A 370 1.27 -11.34 -4.18
CA ALA A 370 2.61 -11.21 -3.60
C ALA A 370 2.83 -12.25 -2.50
N TRP A 371 4.06 -12.73 -2.40
CA TRP A 371 4.38 -13.73 -1.39
C TRP A 371 5.85 -13.70 -1.05
N VAL A 372 6.19 -14.22 0.12
CA VAL A 372 7.56 -14.25 0.57
C VAL A 372 7.64 -15.38 1.58
N GLY A 373 8.77 -16.08 1.61
CA GLY A 373 8.93 -17.18 2.54
C GLY A 373 8.41 -18.47 1.91
N LYS A 374 8.07 -19.43 2.76
CA LYS A 374 7.61 -20.74 2.32
C LYS A 374 6.13 -20.87 1.94
N THR A 375 5.86 -21.65 0.91
CA THR A 375 4.50 -21.92 0.45
C THR A 375 4.10 -23.16 1.25
N GLU A 376 2.84 -23.57 1.16
CA GLU A 376 2.39 -24.74 1.90
C GLU A 376 3.09 -26.00 1.40
N GLU A 377 3.27 -26.10 0.08
CA GLU A 377 3.94 -27.26 -0.51
C GLU A 377 5.36 -27.42 0.03
N GLN A 378 6.09 -26.32 0.15
CA GLN A 378 7.46 -26.37 0.65
C GLN A 378 7.51 -26.82 2.10
N LEU A 379 6.53 -26.42 2.90
CA LEU A 379 6.50 -26.79 4.31
C LEU A 379 6.17 -28.28 4.46
N LYS A 380 5.24 -28.76 3.66
CA LYS A 380 4.85 -30.16 3.70
C LYS A 380 6.06 -31.02 3.31
N GLU A 381 6.69 -30.67 2.20
CA GLU A 381 7.87 -31.39 1.73
C GLU A 381 8.95 -31.46 2.81
N ALA A 382 8.98 -30.48 3.70
CA ALA A 382 9.98 -30.46 4.77
C ALA A 382 9.44 -31.16 6.02
N GLY A 383 8.22 -31.67 5.92
CA GLY A 383 7.62 -32.35 7.06
C GLY A 383 7.36 -31.42 8.24
N ILE A 384 7.44 -30.12 7.99
CA ILE A 384 7.23 -29.12 9.05
C ILE A 384 5.76 -28.93 9.42
N ASP A 385 5.48 -29.02 10.72
CA ASP A 385 4.13 -28.84 11.23
C ASP A 385 3.85 -27.33 11.28
N TYR A 386 2.76 -26.90 10.63
CA TYR A 386 2.45 -25.47 10.58
C TYR A 386 0.96 -25.13 10.72
N LYS A 387 0.67 -23.87 11.05
CA LYS A 387 -0.70 -23.40 11.21
C LYS A 387 -0.99 -22.31 10.18
N ILE A 388 -2.26 -22.17 9.83
CA ILE A 388 -2.67 -21.19 8.84
C ILE A 388 -3.58 -20.10 9.40
N GLY A 389 -3.31 -18.87 8.96
CA GLY A 389 -4.12 -17.74 9.35
C GLY A 389 -4.58 -17.16 8.03
N LYS A 390 -5.89 -17.04 7.85
CA LYS A 390 -6.43 -16.52 6.59
C LYS A 390 -7.48 -15.45 6.85
N PHE A 391 -7.38 -14.32 6.14
CA PHE A 391 -8.35 -13.24 6.30
C PHE A 391 -8.67 -12.66 4.91
N PRO A 392 -9.96 -12.67 4.52
CA PRO A 392 -10.42 -12.16 3.22
C PRO A 392 -10.60 -10.65 3.17
N PHE A 393 -10.22 -10.04 2.07
CA PHE A 393 -10.40 -8.60 1.95
C PHE A 393 -11.88 -8.23 1.95
N ALA A 394 -12.73 -9.21 1.68
CA ALA A 394 -14.17 -8.97 1.69
C ALA A 394 -14.58 -8.58 3.11
N ALA A 395 -13.76 -8.94 4.10
CA ALA A 395 -14.07 -8.61 5.49
C ALA A 395 -13.31 -7.36 5.97
N ASN A 396 -12.51 -6.77 5.10
CA ASN A 396 -11.74 -5.57 5.43
C ASN A 396 -12.54 -4.31 5.10
N SER A 397 -12.65 -3.40 6.07
CA SER A 397 -13.40 -2.15 5.89
C SER A 397 -12.94 -1.28 4.74
N ARG A 398 -11.62 -1.07 4.63
CA ARG A 398 -11.10 -0.24 3.56
C ARG A 398 -11.41 -0.85 2.19
N ALA A 399 -11.16 -2.15 2.03
CA ALA A 399 -11.45 -2.80 0.76
C ALA A 399 -12.92 -2.60 0.39
N LYS A 400 -13.80 -2.68 1.39
CA LYS A 400 -15.24 -2.49 1.17
C LYS A 400 -15.55 -1.08 0.72
N THR A 401 -14.97 -0.10 1.39
CA THR A 401 -15.22 1.29 1.05
C THR A 401 -14.67 1.61 -0.34
N ASN A 402 -13.70 0.83 -0.80
CA ASN A 402 -13.12 1.05 -2.12
C ASN A 402 -13.83 0.21 -3.17
N GLN A 403 -14.75 -0.65 -2.73
CA GLN A 403 -15.47 -1.50 -3.66
C GLN A 403 -14.48 -2.36 -4.46
N ASP A 404 -13.46 -2.85 -3.76
CA ASP A 404 -12.39 -3.66 -4.36
C ASP A 404 -12.03 -4.69 -3.27
N THR A 405 -12.83 -5.75 -3.15
CA THR A 405 -12.65 -6.76 -2.12
C THR A 405 -12.09 -8.13 -2.49
N GLU A 406 -11.66 -8.32 -3.73
CA GLU A 406 -11.13 -9.61 -4.15
C GLU A 406 -9.84 -9.99 -3.41
N GLY A 407 -9.70 -11.27 -3.06
CA GLY A 407 -8.48 -11.70 -2.41
C GLY A 407 -8.46 -11.98 -0.93
N PHE A 408 -7.26 -12.27 -0.42
CA PHE A 408 -7.08 -12.59 0.98
C PHE A 408 -5.60 -12.52 1.36
N VAL A 409 -5.34 -12.63 2.67
CA VAL A 409 -3.98 -12.67 3.18
C VAL A 409 -3.88 -14.04 3.84
N LYS A 410 -2.82 -14.78 3.54
CA LYS A 410 -2.64 -16.08 4.18
C LYS A 410 -1.28 -16.08 4.85
N ILE A 411 -1.29 -16.37 6.15
CA ILE A 411 -0.06 -16.41 6.95
C ILE A 411 0.21 -17.85 7.38
N LEU A 412 1.46 -18.28 7.21
CA LEU A 412 1.88 -19.64 7.59
C LEU A 412 2.85 -19.55 8.76
N ILE A 413 2.50 -20.17 9.89
CA ILE A 413 3.39 -20.13 11.04
C ILE A 413 3.73 -21.51 11.59
N ASP A 414 4.90 -21.60 12.21
CA ASP A 414 5.38 -22.84 12.82
C ASP A 414 4.45 -23.14 13.99
N SER A 415 3.90 -24.35 14.03
CA SER A 415 2.99 -24.74 15.10
C SER A 415 3.58 -24.69 16.51
N LYS A 416 4.89 -24.88 16.63
CA LYS A 416 5.53 -24.86 17.94
C LYS A 416 5.98 -23.48 18.38
N THR A 417 6.73 -22.80 17.52
CA THR A 417 7.25 -21.48 17.82
C THR A 417 6.31 -20.35 17.42
N GLU A 418 5.31 -20.66 16.61
CA GLU A 418 4.36 -19.66 16.14
C GLU A 418 5.08 -18.58 15.33
N ARG A 419 6.31 -18.88 14.94
CA ARG A 419 7.13 -17.97 14.14
C ARG A 419 6.59 -17.96 12.71
N ILE A 420 6.48 -16.78 12.11
CA ILE A 420 5.98 -16.69 10.74
C ILE A 420 6.98 -17.32 9.80
N LEU A 421 6.50 -18.20 8.92
CA LEU A 421 7.37 -18.88 7.97
C LEU A 421 7.15 -18.42 6.54
N GLY A 422 5.99 -17.82 6.30
CA GLY A 422 5.67 -17.34 4.96
C GLY A 422 4.36 -16.57 4.94
N ALA A 423 4.22 -15.70 3.93
CA ALA A 423 3.01 -14.90 3.77
C ALA A 423 2.65 -14.89 2.29
N HIS A 424 1.36 -15.04 2.00
CA HIS A 424 0.86 -15.05 0.63
C HIS A 424 -0.36 -14.17 0.56
N ILE A 425 -0.33 -13.21 -0.37
CA ILE A 425 -1.41 -12.26 -0.47
C ILE A 425 -1.93 -12.01 -1.87
N ILE A 426 -3.26 -11.99 -1.99
CA ILE A 426 -3.89 -11.66 -3.26
C ILE A 426 -4.77 -10.50 -2.84
N GLY A 427 -4.48 -9.31 -3.32
CA GLY A 427 -5.29 -8.17 -2.93
C GLY A 427 -4.95 -6.93 -3.74
N PRO A 428 -5.74 -5.86 -3.58
CA PRO A 428 -5.50 -4.62 -4.32
C PRO A 428 -4.10 -4.00 -4.22
N ASN A 429 -3.41 -4.20 -3.10
CA ASN A 429 -2.07 -3.62 -2.90
C ASN A 429 -1.06 -4.63 -2.37
N ALA A 430 -1.28 -5.91 -2.67
CA ALA A 430 -0.42 -6.99 -2.18
C ALA A 430 1.07 -6.66 -2.26
N GLY A 431 1.48 -6.09 -3.39
CA GLY A 431 2.89 -5.76 -3.59
C GLY A 431 3.48 -4.87 -2.52
N GLU A 432 2.69 -3.93 -2.00
CA GLU A 432 3.15 -3.03 -0.95
C GLU A 432 3.05 -3.68 0.42
N MET A 433 1.92 -4.35 0.66
CA MET A 433 1.67 -4.99 1.94
C MET A 433 2.68 -6.09 2.27
N ILE A 434 3.24 -6.73 1.24
CA ILE A 434 4.18 -7.81 1.48
C ILE A 434 5.43 -7.35 2.25
N ALA A 435 5.73 -6.06 2.20
CA ALA A 435 6.88 -5.52 2.92
C ALA A 435 6.73 -5.81 4.41
N GLU A 436 5.51 -5.74 4.93
CA GLU A 436 5.26 -6.02 6.34
C GLU A 436 5.72 -7.45 6.64
N ALA A 437 5.42 -8.37 5.73
CA ALA A 437 5.82 -9.75 5.91
C ALA A 437 7.35 -9.79 5.86
N GLY A 438 7.93 -8.91 5.06
CA GLY A 438 9.37 -8.84 4.93
C GLY A 438 10.04 -8.47 6.24
N LEU A 439 9.51 -7.45 6.90
CA LEU A 439 10.08 -7.02 8.17
C LEU A 439 9.93 -8.10 9.25
N ALA A 440 8.75 -8.71 9.31
CA ALA A 440 8.46 -9.74 10.29
C ALA A 440 9.40 -10.94 10.17
N LEU A 441 9.56 -11.44 8.95
CA LEU A 441 10.43 -12.58 8.71
C LEU A 441 11.88 -12.26 9.06
N GLU A 442 12.35 -11.11 8.58
CA GLU A 442 13.72 -10.71 8.82
C GLU A 442 14.03 -10.68 10.31
N TYR A 443 13.06 -10.30 11.12
CA TYR A 443 13.25 -10.21 12.56
C TYR A 443 12.78 -11.42 13.37
N GLY A 444 12.31 -12.46 12.68
CA GLY A 444 11.85 -13.64 13.39
C GLY A 444 10.58 -13.37 14.19
N ALA A 445 9.77 -12.44 13.70
CA ALA A 445 8.52 -12.10 14.39
C ALA A 445 7.56 -13.28 14.40
N SER A 446 6.71 -13.32 15.42
CA SER A 446 5.71 -14.36 15.55
C SER A 446 4.40 -13.73 15.09
N ALA A 447 3.39 -14.55 14.83
CA ALA A 447 2.10 -14.04 14.41
C ALA A 447 1.55 -13.06 15.45
N GLU A 448 1.70 -13.42 16.72
CA GLU A 448 1.21 -12.56 17.80
C GLU A 448 1.94 -11.22 17.81
N ASP A 449 3.24 -11.21 17.48
CA ASP A 449 3.99 -9.96 17.45
C ASP A 449 3.39 -8.98 16.46
N VAL A 450 2.96 -9.48 15.31
CA VAL A 450 2.36 -8.62 14.29
C VAL A 450 0.95 -8.23 14.70
N ALA A 451 0.19 -9.21 15.15
CA ALA A 451 -1.18 -9.00 15.58
C ALA A 451 -1.33 -7.93 16.65
N ARG A 452 -0.34 -7.77 17.51
CA ARG A 452 -0.45 -6.77 18.57
C ARG A 452 0.02 -5.36 18.20
N VAL A 453 0.47 -5.15 16.97
CA VAL A 453 0.90 -3.83 16.53
C VAL A 453 -0.34 -3.10 16.06
N CYS A 454 -0.51 -1.86 16.51
CA CYS A 454 -1.67 -1.06 16.14
C CYS A 454 -1.57 -0.63 14.69
N HIS A 455 -2.49 -1.11 13.86
CA HIS A 455 -2.52 -0.74 12.45
C HIS A 455 -3.60 0.31 12.28
N ALA A 456 -3.30 1.35 11.49
CA ALA A 456 -4.25 2.43 11.26
C ALA A 456 -5.57 1.91 10.68
N HIS A 457 -6.65 2.61 11.01
CA HIS A 457 -7.98 2.26 10.53
C HIS A 457 -8.57 3.46 9.78
N PRO A 458 -9.22 3.23 8.63
CA PRO A 458 -9.40 1.94 7.99
C PRO A 458 -8.37 1.76 6.87
N THR A 459 -7.52 0.73 6.98
CA THR A 459 -6.52 0.47 5.94
C THR A 459 -6.56 -0.99 5.51
N LEU A 460 -6.01 -1.27 4.33
CA LEU A 460 -5.97 -2.63 3.85
C LEU A 460 -5.04 -3.41 4.75
N SER A 461 -4.04 -2.73 5.32
CA SER A 461 -3.07 -3.39 6.19
C SER A 461 -3.69 -4.07 7.40
N GLU A 462 -4.92 -3.71 7.76
CA GLU A 462 -5.55 -4.33 8.93
C GLU A 462 -5.82 -5.80 8.63
N ALA A 463 -5.91 -6.13 7.35
CA ALA A 463 -6.15 -7.52 6.96
C ALA A 463 -4.89 -8.32 7.25
N PHE A 464 -3.73 -7.69 7.16
CA PHE A 464 -2.48 -8.39 7.44
C PHE A 464 -2.42 -8.67 8.94
N LYS A 465 -2.89 -7.71 9.74
CA LYS A 465 -2.91 -7.85 11.19
C LYS A 465 -3.87 -8.96 11.63
N GLU A 466 -5.06 -9.00 11.04
CA GLU A 466 -6.06 -10.02 11.39
C GLU A 466 -5.68 -11.42 10.91
N ALA A 467 -5.04 -11.53 9.76
CA ALA A 467 -4.64 -12.85 9.27
C ALA A 467 -3.67 -13.47 10.26
N ASN A 468 -2.82 -12.64 10.85
CA ASN A 468 -1.85 -13.08 11.84
C ASN A 468 -2.58 -13.43 13.14
N MET A 469 -3.61 -12.66 13.46
CA MET A 469 -4.39 -12.93 14.67
C MET A 469 -4.98 -14.32 14.56
N ALA A 470 -5.53 -14.64 13.38
CA ALA A 470 -6.15 -15.94 13.14
C ALA A 470 -5.17 -17.10 13.14
N ALA A 471 -3.93 -16.84 12.73
CA ALA A 471 -2.93 -17.89 12.66
C ALA A 471 -2.58 -18.50 14.01
N TYR A 472 -2.44 -17.65 15.03
CA TYR A 472 -2.10 -18.14 16.37
C TYR A 472 -3.28 -18.09 17.35
N ASP A 473 -4.34 -17.40 16.98
CA ASP A 473 -5.51 -17.29 17.84
C ASP A 473 -6.76 -17.17 16.99
N LYS A 474 -7.46 -16.04 17.13
CA LYS A 474 -8.68 -15.81 16.36
C LYS A 474 -8.76 -14.38 15.90
N ALA A 475 -9.22 -14.18 14.66
CA ALA A 475 -9.37 -12.84 14.13
C ALA A 475 -10.61 -12.24 14.81
N ILE A 476 -10.74 -10.92 14.76
CA ILE A 476 -11.90 -10.26 15.37
C ILE A 476 -13.03 -10.16 14.34
N HIS A 477 -12.70 -9.62 13.18
CA HIS A 477 -13.69 -9.41 12.12
C HIS A 477 -13.86 -10.57 11.17
N CYS A 478 -13.56 -11.77 11.65
CA CYS A 478 -13.67 -12.98 10.86
C CYS A 478 -14.47 -14.04 11.63
N THR B 1 -40.50 -4.05 33.43
CA THR B 1 -39.05 -4.23 33.74
C THR B 1 -38.75 -5.71 33.97
N ILE B 2 -37.58 -6.13 33.49
CA ILE B 2 -37.19 -7.53 33.63
C ILE B 2 -35.68 -7.65 33.91
N ASN B 3 -35.30 -8.65 34.71
CA ASN B 3 -33.91 -8.88 35.08
C ASN B 3 -33.18 -9.84 34.14
N LYS B 4 -31.88 -9.57 33.97
CA LYS B 4 -31.03 -10.39 33.11
C LYS B 4 -29.63 -10.39 33.72
N SER B 5 -28.88 -11.46 33.48
CA SER B 5 -27.53 -11.55 34.01
C SER B 5 -26.50 -11.86 32.93
N HIS B 6 -25.34 -11.22 33.04
CA HIS B 6 -24.24 -11.44 32.11
C HIS B 6 -22.96 -11.23 32.90
N ASP B 7 -21.84 -11.76 32.39
CA ASP B 7 -20.55 -11.59 33.04
C ASP B 7 -20.05 -10.19 32.71
N VAL B 8 -20.21 -9.81 31.44
CA VAL B 8 -19.75 -8.50 30.97
C VAL B 8 -20.80 -7.77 30.13
N VAL B 9 -20.94 -6.47 30.36
CA VAL B 9 -21.87 -5.65 29.59
C VAL B 9 -21.14 -4.41 29.10
N ILE B 10 -21.15 -4.20 27.79
CA ILE B 10 -20.49 -3.07 27.14
C ILE B 10 -21.52 -2.00 26.77
N ILE B 11 -21.29 -0.75 27.21
CA ILE B 11 -22.22 0.33 26.85
C ILE B 11 -21.63 1.09 25.67
N GLY B 12 -22.14 0.81 24.47
CA GLY B 12 -21.63 1.47 23.28
C GLY B 12 -21.20 0.42 22.27
N GLY B 13 -21.62 0.58 21.02
CA GLY B 13 -21.29 -0.37 19.97
C GLY B 13 -20.34 0.11 18.88
N GLY B 14 -19.52 1.12 19.18
CA GLY B 14 -18.58 1.62 18.20
C GLY B 14 -17.32 0.76 18.22
N PRO B 15 -16.24 1.21 17.54
CA PRO B 15 -14.97 0.48 17.47
C PRO B 15 -14.50 -0.15 18.80
N ALA B 16 -14.50 0.65 19.86
CA ALA B 16 -14.07 0.15 21.16
C ALA B 16 -15.06 -0.85 21.77
N GLY B 17 -16.34 -0.49 21.73
CA GLY B 17 -17.38 -1.33 22.30
C GLY B 17 -17.72 -2.64 21.61
N TYR B 18 -17.89 -2.65 20.29
CA TYR B 18 -18.26 -3.91 19.65
C TYR B 18 -17.07 -4.85 19.55
N VAL B 19 -15.86 -4.30 19.43
CA VAL B 19 -14.69 -5.15 19.36
C VAL B 19 -14.46 -5.75 20.76
N ALA B 20 -14.73 -4.99 21.82
CA ALA B 20 -14.59 -5.50 23.18
C ALA B 20 -15.58 -6.63 23.42
N ALA B 21 -16.78 -6.50 22.86
CA ALA B 21 -17.83 -7.50 23.01
C ALA B 21 -17.43 -8.81 22.31
N ILE B 22 -16.96 -8.69 21.08
CA ILE B 22 -16.52 -9.86 20.32
C ILE B 22 -15.40 -10.58 21.08
N LYS B 23 -14.44 -9.80 21.58
CA LYS B 23 -13.28 -10.33 22.30
C LYS B 23 -13.67 -11.00 23.63
N ALA B 24 -14.57 -10.37 24.37
CA ALA B 24 -15.00 -10.93 25.64
C ALA B 24 -15.67 -12.29 25.42
N ALA B 25 -16.45 -12.39 24.35
CA ALA B 25 -17.15 -13.63 24.01
C ALA B 25 -16.16 -14.72 23.58
N GLN B 26 -15.14 -14.33 22.81
CA GLN B 26 -14.13 -15.28 22.38
C GLN B 26 -13.36 -15.75 23.60
N LEU B 27 -13.25 -14.89 24.62
CA LEU B 27 -12.53 -15.26 25.83
C LEU B 27 -13.41 -16.04 26.83
N GLY B 28 -14.65 -16.34 26.44
CA GLY B 28 -15.51 -17.12 27.32
C GLY B 28 -16.52 -16.41 28.20
N PHE B 29 -16.60 -15.09 28.14
CA PHE B 29 -17.54 -14.36 28.98
C PHE B 29 -18.95 -14.36 28.38
N ASN B 30 -19.95 -14.37 29.25
CA ASN B 30 -21.34 -14.28 28.81
C ASN B 30 -21.36 -12.79 28.60
N THR B 31 -21.38 -12.36 27.33
CA THR B 31 -21.30 -10.94 27.03
C THR B 31 -22.50 -10.26 26.40
N ALA B 32 -22.68 -8.99 26.74
CA ALA B 32 -23.78 -8.19 26.22
C ALA B 32 -23.26 -6.81 25.85
N CYS B 33 -23.88 -6.22 24.83
CA CYS B 33 -23.54 -4.89 24.35
C CYS B 33 -24.82 -4.07 24.21
N VAL B 34 -24.80 -2.85 24.71
CA VAL B 34 -25.96 -1.96 24.63
C VAL B 34 -25.62 -0.79 23.69
N GLU B 35 -26.47 -0.59 22.67
CA GLU B 35 -26.29 0.47 21.68
C GLU B 35 -27.66 1.06 21.36
N LYS B 36 -27.75 2.39 21.36
CA LYS B 36 -29.00 3.08 21.14
C LYS B 36 -29.32 3.58 19.73
N ARG B 37 -28.30 3.79 18.89
CA ARG B 37 -28.53 4.34 17.56
C ARG B 37 -29.29 3.49 16.53
N GLY B 38 -29.21 2.16 16.62
CA GLY B 38 -29.91 1.34 15.66
C GLY B 38 -29.02 0.47 14.79
N LYS B 39 -27.72 0.75 14.82
CA LYS B 39 -26.73 0.00 14.04
C LYS B 39 -25.45 -0.08 14.87
N LEU B 40 -24.63 -1.09 14.63
CA LEU B 40 -23.36 -1.22 15.33
C LEU B 40 -22.30 -0.45 14.52
N GLY B 41 -21.10 -0.32 15.06
CA GLY B 41 -20.06 0.38 14.33
C GLY B 41 -19.81 1.79 14.82
N GLY B 42 -20.73 2.31 15.61
CA GLY B 42 -20.58 3.64 16.17
C GLY B 42 -20.36 4.79 15.19
N THR B 43 -19.62 5.80 15.64
CA THR B 43 -19.33 6.96 14.83
C THR B 43 -18.60 6.57 13.54
N CYS B 44 -17.49 5.87 13.71
CA CYS B 44 -16.64 5.42 12.61
C CYS B 44 -17.37 4.86 11.40
N LEU B 45 -18.14 3.80 11.64
CA LEU B 45 -18.86 3.15 10.56
C LEU B 45 -20.07 3.93 10.03
N ASN B 46 -20.85 4.50 10.94
CA ASN B 46 -22.06 5.20 10.51
C ASN B 46 -21.93 6.65 10.05
N VAL B 47 -21.14 7.46 10.75
CA VAL B 47 -21.00 8.85 10.37
C VAL B 47 -19.56 9.34 10.43
N GLY B 48 -18.61 8.44 10.21
CA GLY B 48 -17.22 8.85 10.30
C GLY B 48 -16.23 8.27 9.30
N CYS B 49 -15.33 7.43 9.82
CA CYS B 49 -14.29 6.79 9.02
C CYS B 49 -14.74 6.24 7.68
N ILE B 50 -15.67 5.29 7.75
CA ILE B 50 -16.15 4.59 6.59
C ILE B 50 -16.79 5.46 5.53
N PRO B 51 -17.86 6.21 5.88
CA PRO B 51 -18.45 7.03 4.83
C PRO B 51 -17.50 8.09 4.29
N SER B 52 -16.66 8.66 5.14
CA SER B 52 -15.73 9.69 4.68
C SER B 52 -14.68 9.12 3.73
N LYS B 53 -14.17 7.93 4.03
CA LYS B 53 -13.16 7.31 3.15
C LYS B 53 -13.81 6.90 1.83
N ALA B 54 -15.09 6.57 1.85
CA ALA B 54 -15.80 6.18 0.64
C ALA B 54 -15.88 7.37 -0.31
N LEU B 55 -16.24 8.53 0.24
CA LEU B 55 -16.35 9.74 -0.58
C LEU B 55 -14.99 10.19 -1.08
N LEU B 56 -13.97 10.03 -0.23
CA LEU B 56 -12.62 10.41 -0.63
C LEU B 56 -12.14 9.55 -1.79
N ASN B 57 -12.29 8.24 -1.65
CA ASN B 57 -11.85 7.33 -2.70
C ASN B 57 -12.60 7.56 -4.02
N ASN B 58 -13.92 7.62 -3.96
CA ASN B 58 -14.68 7.84 -5.19
C ASN B 58 -14.43 9.21 -5.80
N SER B 59 -14.29 10.24 -4.96
CA SER B 59 -14.03 11.57 -5.49
C SER B 59 -12.64 11.62 -6.12
N HIS B 60 -11.69 10.84 -5.59
CA HIS B 60 -10.34 10.80 -6.14
C HIS B 60 -10.35 10.18 -7.53
N LEU B 61 -11.06 9.05 -7.67
CA LEU B 61 -11.16 8.36 -8.95
C LEU B 61 -11.84 9.24 -9.99
N PHE B 62 -12.91 9.92 -9.59
CA PHE B 62 -13.61 10.83 -10.50
C PHE B 62 -12.60 11.84 -11.01
N HIS B 63 -11.81 12.38 -10.09
CA HIS B 63 -10.78 13.35 -10.42
C HIS B 63 -9.75 12.79 -11.41
N GLN B 64 -9.32 11.55 -11.17
CA GLN B 64 -8.35 10.90 -12.05
C GLN B 64 -8.91 10.67 -13.44
N MET B 65 -10.16 10.21 -13.50
CA MET B 65 -10.84 9.93 -14.74
C MET B 65 -11.14 11.21 -15.51
N HIS B 66 -11.31 12.30 -14.79
CA HIS B 66 -11.63 13.57 -15.41
C HIS B 66 -10.46 14.40 -15.91
N THR B 67 -9.30 14.28 -15.28
CA THR B 67 -8.17 15.10 -15.71
C THR B 67 -6.84 14.38 -15.89
N GLU B 68 -6.80 13.08 -15.62
CA GLU B 68 -5.55 12.35 -15.77
C GLU B 68 -5.65 11.18 -16.72
N ALA B 69 -6.79 11.03 -17.39
CA ALA B 69 -6.96 9.91 -18.30
C ALA B 69 -6.26 10.09 -19.65
N GLN B 70 -6.44 11.26 -20.26
CA GLN B 70 -5.84 11.52 -21.56
C GLN B 70 -4.32 11.28 -21.56
N LYS B 71 -3.63 11.77 -20.54
CA LYS B 71 -2.18 11.58 -20.48
C LYS B 71 -1.78 10.14 -20.19
N ARG B 72 -2.78 9.27 -20.05
CA ARG B 72 -2.51 7.85 -19.81
C ARG B 72 -2.92 7.01 -21.03
N GLY B 73 -3.27 7.69 -22.12
CA GLY B 73 -3.64 7.01 -23.35
C GLY B 73 -5.11 6.65 -23.41
N ILE B 74 -5.93 7.30 -22.60
CA ILE B 74 -7.36 7.01 -22.57
C ILE B 74 -8.18 8.20 -23.06
N ASP B 75 -8.78 8.05 -24.24
CA ASP B 75 -9.60 9.11 -24.82
C ASP B 75 -11.08 8.89 -24.55
N VAL B 76 -11.74 9.90 -24.00
CA VAL B 76 -13.17 9.84 -23.73
C VAL B 76 -13.80 10.94 -24.58
N ASN B 77 -14.49 10.56 -25.64
CA ASN B 77 -15.09 11.57 -26.50
C ASN B 77 -16.41 12.07 -25.91
N GLY B 78 -16.81 11.48 -24.78
CA GLY B 78 -18.04 11.88 -24.14
C GLY B 78 -17.87 12.81 -22.95
N ASP B 79 -18.71 12.62 -21.94
CA ASP B 79 -18.70 13.46 -20.76
C ASP B 79 -18.42 12.67 -19.47
N ILE B 80 -17.74 13.30 -18.52
CA ILE B 80 -17.43 12.68 -17.22
C ILE B 80 -18.17 13.46 -16.14
N LYS B 81 -19.35 12.97 -15.74
CA LYS B 81 -20.16 13.66 -14.73
C LYS B 81 -20.31 12.90 -13.42
N ILE B 82 -20.38 13.65 -12.32
CA ILE B 82 -20.58 13.07 -11.02
C ILE B 82 -22.08 12.89 -10.85
N ASN B 83 -22.49 11.68 -10.45
CA ASN B 83 -23.89 11.38 -10.23
C ASN B 83 -24.07 11.35 -8.72
N VAL B 84 -24.28 12.52 -8.12
CA VAL B 84 -24.42 12.64 -6.67
C VAL B 84 -25.27 11.56 -5.99
N ALA B 85 -26.37 11.17 -6.61
CA ALA B 85 -27.24 10.15 -6.03
C ALA B 85 -26.55 8.78 -5.96
N ASN B 86 -25.77 8.45 -6.99
CA ASN B 86 -25.09 7.17 -6.99
C ASN B 86 -23.82 7.28 -6.17
N PHE B 87 -23.31 8.50 -6.04
CA PHE B 87 -22.12 8.80 -5.27
C PHE B 87 -22.45 8.47 -3.81
N GLN B 88 -23.60 8.97 -3.37
CA GLN B 88 -24.09 8.73 -2.02
C GLN B 88 -24.46 7.26 -1.83
N LYS B 89 -25.10 6.69 -2.86
CA LYS B 89 -25.50 5.30 -2.79
C LYS B 89 -24.30 4.38 -2.57
N ALA B 90 -23.21 4.63 -3.29
CA ALA B 90 -22.01 3.80 -3.15
C ALA B 90 -21.55 3.82 -1.71
N LYS B 91 -21.57 5.00 -1.10
CA LYS B 91 -21.16 5.14 0.28
C LYS B 91 -22.17 4.45 1.22
N ASP B 92 -23.46 4.71 1.02
CA ASP B 92 -24.47 4.09 1.86
C ASP B 92 -24.46 2.56 1.78
N ASP B 93 -24.18 1.99 0.61
CA ASP B 93 -24.12 0.54 0.48
C ASP B 93 -22.93 -0.03 1.25
N ALA B 94 -21.81 0.69 1.24
CA ALA B 94 -20.62 0.24 1.96
C ALA B 94 -20.91 0.24 3.46
N VAL B 95 -21.57 1.28 3.94
CA VAL B 95 -21.93 1.37 5.35
C VAL B 95 -22.92 0.25 5.70
N LYS B 96 -23.91 0.05 4.83
CA LYS B 96 -24.93 -0.97 5.02
C LYS B 96 -24.34 -2.38 5.14
N GLN B 97 -23.43 -2.73 4.25
CA GLN B 97 -22.83 -4.05 4.27
C GLN B 97 -21.99 -4.27 5.53
N LEU B 98 -21.18 -3.27 5.87
CA LEU B 98 -20.32 -3.35 7.05
C LEU B 98 -21.11 -3.41 8.36
N THR B 99 -22.17 -2.62 8.49
CA THR B 99 -22.96 -2.63 9.71
C THR B 99 -23.61 -4.00 9.84
N GLY B 100 -23.99 -4.58 8.70
CA GLY B 100 -24.60 -5.89 8.72
C GLY B 100 -23.57 -6.93 9.11
N GLY B 101 -22.34 -6.72 8.66
CA GLY B 101 -21.27 -7.64 8.98
C GLY B 101 -21.07 -7.76 10.48
N ILE B 102 -21.08 -6.63 11.18
CA ILE B 102 -20.87 -6.63 12.63
C ILE B 102 -21.96 -7.40 13.36
N GLU B 103 -23.20 -7.19 12.95
CA GLU B 103 -24.31 -7.90 13.57
C GLU B 103 -24.14 -9.40 13.37
N LEU B 104 -23.57 -9.79 12.24
CA LEU B 104 -23.35 -11.21 11.95
C LEU B 104 -22.23 -11.72 12.87
N LEU B 105 -21.23 -10.89 13.11
CA LEU B 105 -20.13 -11.27 14.01
C LEU B 105 -20.67 -11.45 15.43
N PHE B 106 -21.60 -10.58 15.81
CA PHE B 106 -22.20 -10.68 17.15
C PHE B 106 -22.95 -12.01 17.28
N LYS B 107 -23.64 -12.42 16.22
CA LYS B 107 -24.38 -13.67 16.21
C LYS B 107 -23.45 -14.87 16.29
N LYS B 108 -22.43 -14.86 15.44
CA LYS B 108 -21.46 -15.96 15.42
C LYS B 108 -20.77 -16.14 16.77
N ASN B 109 -20.54 -15.03 17.47
CA ASN B 109 -19.86 -15.08 18.77
C ASN B 109 -20.78 -15.14 19.98
N LYS B 110 -22.09 -15.15 19.73
CA LYS B 110 -23.09 -15.21 20.80
C LYS B 110 -23.14 -13.99 21.73
N VAL B 111 -22.95 -12.80 21.17
CA VAL B 111 -23.03 -11.59 21.96
C VAL B 111 -24.50 -11.18 22.05
N THR B 112 -24.97 -10.87 23.25
CA THR B 112 -26.36 -10.45 23.40
C THR B 112 -26.40 -8.97 23.05
N TYR B 113 -27.17 -8.66 22.00
CA TYR B 113 -27.29 -7.30 21.51
C TYR B 113 -28.58 -6.59 21.97
N TYR B 114 -28.45 -5.68 22.93
CA TYR B 114 -29.57 -4.92 23.44
C TYR B 114 -29.67 -3.60 22.68
N LYS B 115 -30.81 -3.36 22.03
CA LYS B 115 -31.00 -2.12 21.29
C LYS B 115 -31.77 -1.17 22.20
N GLY B 116 -31.04 -0.22 22.78
CA GLY B 116 -31.64 0.73 23.68
C GLY B 116 -30.58 1.63 24.29
N ASN B 117 -30.97 2.42 25.29
CA ASN B 117 -30.03 3.30 25.96
C ASN B 117 -29.58 2.66 27.25
N GLY B 118 -28.27 2.68 27.50
CA GLY B 118 -27.73 2.07 28.70
C GLY B 118 -27.33 3.11 29.74
N SER B 119 -27.69 2.85 30.99
CA SER B 119 -27.37 3.76 32.09
C SER B 119 -27.12 2.98 33.37
N PHE B 120 -26.38 3.56 34.30
CA PHE B 120 -26.10 2.90 35.56
C PHE B 120 -27.32 2.97 36.49
N GLU B 121 -27.85 1.80 36.86
CA GLU B 121 -28.99 1.75 37.77
C GLU B 121 -28.35 2.12 39.11
N ASP B 122 -27.15 1.57 39.32
CA ASP B 122 -26.33 1.82 40.49
C ASP B 122 -24.93 1.43 40.00
N GLU B 123 -23.95 1.30 40.88
CA GLU B 123 -22.61 0.96 40.42
C GLU B 123 -22.44 -0.48 39.94
N THR B 124 -23.36 -1.36 40.33
CA THR B 124 -23.25 -2.76 39.96
C THR B 124 -24.25 -3.27 38.92
N LYS B 125 -25.20 -2.43 38.51
CA LYS B 125 -26.20 -2.84 37.52
C LYS B 125 -26.47 -1.81 36.44
N ILE B 126 -26.82 -2.31 35.25
CA ILE B 126 -27.10 -1.46 34.11
C ILE B 126 -28.56 -1.59 33.70
N ARG B 127 -29.21 -0.45 33.48
CA ARG B 127 -30.60 -0.46 33.03
C ARG B 127 -30.64 -0.10 31.54
N VAL B 128 -31.36 -0.90 30.77
CA VAL B 128 -31.51 -0.63 29.35
C VAL B 128 -32.94 -0.14 29.14
N THR B 129 -33.07 1.08 28.64
CA THR B 129 -34.40 1.64 28.38
C THR B 129 -34.63 1.70 26.89
N PRO B 130 -35.88 1.48 26.45
CA PRO B 130 -36.19 1.52 25.02
C PRO B 130 -36.06 2.89 24.35
N VAL B 131 -35.89 2.86 23.03
CA VAL B 131 -35.77 4.06 22.22
C VAL B 131 -37.01 4.10 21.34
N ASP B 132 -37.84 5.11 21.56
CA ASP B 132 -39.10 5.31 20.84
C ASP B 132 -39.21 4.74 19.43
N GLY B 133 -38.58 5.39 18.46
CA GLY B 133 -38.68 4.91 17.09
C GLY B 133 -37.90 3.65 16.75
N LEU B 134 -36.74 3.47 17.36
CA LEU B 134 -35.87 2.33 17.12
C LEU B 134 -36.55 0.96 17.16
N GLU B 135 -36.61 0.28 16.01
CA GLU B 135 -37.23 -1.04 16.02
C GLU B 135 -36.23 -2.11 16.46
N GLY B 136 -36.74 -3.07 17.21
CA GLY B 136 -35.89 -4.13 17.73
C GLY B 136 -35.53 -3.73 19.14
N THR B 137 -35.87 -2.50 19.51
CA THR B 137 -35.57 -1.97 20.84
C THR B 137 -36.25 -2.84 21.90
N VAL B 138 -35.75 -2.80 23.13
CA VAL B 138 -36.33 -3.60 24.20
C VAL B 138 -37.81 -3.25 24.42
N LYS B 139 -38.61 -4.28 24.67
CA LYS B 139 -40.05 -4.12 24.91
C LYS B 139 -40.33 -3.42 26.22
N GLU B 140 -39.45 -3.64 27.19
CA GLU B 140 -39.58 -3.02 28.51
C GLU B 140 -38.18 -2.85 29.06
N ASP B 141 -38.06 -2.11 30.15
CA ASP B 141 -36.77 -1.87 30.78
C ASP B 141 -36.09 -3.18 31.17
N HIS B 142 -34.77 -3.22 31.04
CA HIS B 142 -34.00 -4.39 31.42
C HIS B 142 -32.98 -4.01 32.47
N ILE B 143 -32.93 -4.79 33.53
CA ILE B 143 -31.96 -4.55 34.59
C ILE B 143 -30.96 -5.68 34.46
N LEU B 144 -29.74 -5.33 34.08
CA LEU B 144 -28.68 -6.31 33.89
C LEU B 144 -27.78 -6.47 35.12
N ASP B 145 -27.80 -7.65 35.71
CA ASP B 145 -26.96 -7.94 36.86
C ASP B 145 -25.64 -8.34 36.22
N VAL B 146 -24.60 -7.56 36.47
CA VAL B 146 -23.31 -7.85 35.83
C VAL B 146 -22.10 -7.76 36.75
N LYS B 147 -21.05 -8.50 36.41
CA LYS B 147 -19.83 -8.49 37.20
C LYS B 147 -18.89 -7.39 36.72
N ASN B 148 -18.79 -7.24 35.39
CA ASN B 148 -17.92 -6.22 34.82
C ASN B 148 -18.64 -5.37 33.79
N ILE B 149 -18.43 -4.07 33.88
CA ILE B 149 -19.03 -3.11 32.97
C ILE B 149 -17.95 -2.35 32.23
N ILE B 150 -18.14 -2.17 30.94
CA ILE B 150 -17.18 -1.45 30.13
C ILE B 150 -17.91 -0.30 29.45
N VAL B 151 -17.51 0.91 29.78
CA VAL B 151 -18.12 2.10 29.19
C VAL B 151 -17.36 2.52 27.94
N ALA B 152 -18.08 2.57 26.82
CA ALA B 152 -17.48 2.96 25.54
C ALA B 152 -18.49 3.82 24.78
N THR B 153 -19.00 4.84 25.46
CA THR B 153 -20.01 5.73 24.89
C THR B 153 -19.54 6.72 23.81
N GLY B 154 -18.23 6.73 23.55
CA GLY B 154 -17.68 7.57 22.50
C GLY B 154 -17.69 9.08 22.54
N SER B 155 -17.94 9.68 21.37
CA SER B 155 -17.94 11.12 21.21
C SER B 155 -19.07 11.74 20.39
N GLU B 156 -19.05 13.06 20.30
CA GLU B 156 -20.02 13.85 19.55
C GLU B 156 -19.29 15.07 18.97
N VAL B 157 -19.88 15.74 17.99
CA VAL B 157 -19.25 16.93 17.41
C VAL B 157 -19.27 18.02 18.47
N THR B 158 -18.24 18.84 18.51
CA THR B 158 -18.19 19.93 19.47
C THR B 158 -19.06 21.04 18.88
N PRO B 159 -20.15 21.41 19.57
CA PRO B 159 -21.03 22.47 19.06
C PRO B 159 -20.41 23.87 19.04
N PHE B 160 -20.95 24.74 18.20
CA PHE B 160 -20.49 26.11 18.09
C PHE B 160 -21.66 27.00 18.51
N PRO B 161 -21.63 27.50 19.77
CA PRO B 161 -22.70 28.35 20.27
C PRO B 161 -22.95 29.57 19.39
N GLY B 162 -24.19 29.72 18.95
CA GLY B 162 -24.54 30.83 18.09
C GLY B 162 -24.75 30.35 16.67
N ILE B 163 -24.25 29.15 16.37
CA ILE B 163 -24.41 28.56 15.05
C ILE B 163 -25.42 27.42 15.08
N GLU B 164 -26.57 27.65 14.48
CA GLU B 164 -27.63 26.63 14.41
C GLU B 164 -27.22 25.61 13.35
N ILE B 165 -26.93 24.39 13.79
CA ILE B 165 -26.53 23.34 12.85
C ILE B 165 -27.69 22.51 12.33
N ASP B 166 -28.14 22.85 11.12
CA ASP B 166 -29.20 22.10 10.46
C ASP B 166 -28.36 21.37 9.44
N GLU B 167 -28.51 20.06 9.34
CA GLU B 167 -27.70 19.30 8.40
C GLU B 167 -28.05 19.51 6.93
N GLU B 168 -28.21 20.77 6.53
CA GLU B 168 -28.54 21.13 5.16
C GLU B 168 -27.66 22.24 4.62
N LYS B 169 -27.69 23.40 5.26
CA LYS B 169 -26.89 24.55 4.86
C LYS B 169 -25.70 24.70 5.80
N ILE B 170 -25.97 24.62 7.09
CA ILE B 170 -24.89 24.71 8.09
C ILE B 170 -24.80 23.28 8.63
N VAL B 171 -23.81 22.55 8.12
CA VAL B 171 -23.67 21.15 8.51
C VAL B 171 -22.48 20.80 9.38
N SER B 172 -22.56 19.63 10.01
CA SER B 172 -21.47 19.10 10.81
C SER B 172 -20.94 18.02 9.88
N SER B 173 -19.91 17.29 10.29
CA SER B 173 -19.37 16.23 9.45
C SER B 173 -20.48 15.30 8.96
N THR B 174 -21.46 15.05 9.83
CA THR B 174 -22.56 14.16 9.48
C THR B 174 -23.37 14.71 8.32
N GLY B 175 -23.54 16.03 8.28
CA GLY B 175 -24.29 16.62 7.19
C GLY B 175 -23.46 16.67 5.91
N ALA B 176 -22.18 17.01 6.05
CA ALA B 176 -21.29 17.08 4.89
C ALA B 176 -21.23 15.75 4.15
N LEU B 177 -21.28 14.65 4.89
CA LEU B 177 -21.20 13.30 4.31
C LEU B 177 -22.44 12.89 3.52
N SER B 178 -23.55 13.61 3.71
CA SER B 178 -24.77 13.26 3.00
C SER B 178 -25.36 14.36 2.10
N LEU B 179 -24.54 15.33 1.73
CA LEU B 179 -24.98 16.43 0.86
C LEU B 179 -25.60 15.88 -0.42
N LYS B 180 -26.82 16.30 -0.71
CA LYS B 180 -27.56 15.84 -1.89
C LYS B 180 -27.14 16.59 -3.15
N GLU B 181 -26.40 17.68 -2.99
CA GLU B 181 -25.94 18.45 -4.12
C GLU B 181 -24.58 19.08 -3.83
N ILE B 182 -23.75 19.18 -4.87
CA ILE B 182 -22.42 19.77 -4.72
C ILE B 182 -22.62 21.26 -4.53
N PRO B 183 -22.27 21.79 -3.35
CA PRO B 183 -22.42 23.23 -3.10
C PRO B 183 -21.44 24.05 -3.92
N LYS B 184 -21.90 25.20 -4.42
CA LYS B 184 -21.04 26.06 -5.23
C LYS B 184 -19.85 26.47 -4.39
N ARG B 185 -20.12 26.89 -3.17
CA ARG B 185 -19.07 27.29 -2.25
C ARG B 185 -19.16 26.51 -0.95
N LEU B 186 -18.05 25.92 -0.54
CA LEU B 186 -18.01 25.17 0.70
C LEU B 186 -17.01 25.88 1.57
N THR B 187 -17.49 26.46 2.66
CA THR B 187 -16.62 27.14 3.59
C THR B 187 -16.56 26.25 4.82
N ILE B 188 -15.35 25.99 5.27
CA ILE B 188 -15.14 25.10 6.41
C ILE B 188 -14.44 25.78 7.58
N ILE B 189 -15.05 25.68 8.75
CA ILE B 189 -14.46 26.28 9.93
C ILE B 189 -13.60 25.21 10.64
N GLY B 190 -12.31 25.50 10.72
CA GLY B 190 -11.38 24.57 11.35
C GLY B 190 -10.59 23.84 10.28
N GLY B 191 -9.27 23.76 10.48
CA GLY B 191 -8.42 23.07 9.53
C GLY B 191 -7.98 21.71 10.04
N GLY B 192 -8.88 21.03 10.74
CA GLY B 192 -8.55 19.71 11.26
C GLY B 192 -8.63 18.67 10.16
N ILE B 193 -8.18 17.46 10.44
CA ILE B 193 -8.20 16.39 9.46
C ILE B 193 -9.60 16.17 8.90
N ILE B 194 -10.58 16.08 9.79
CA ILE B 194 -11.94 15.87 9.37
C ILE B 194 -12.36 16.97 8.40
N GLY B 195 -12.04 18.22 8.73
CA GLY B 195 -12.38 19.33 7.86
C GLY B 195 -11.64 19.27 6.52
N LEU B 196 -10.33 19.05 6.57
CA LEU B 196 -9.53 18.97 5.36
C LEU B 196 -10.03 17.87 4.41
N GLU B 197 -10.29 16.69 4.95
CA GLU B 197 -10.79 15.59 4.12
C GLU B 197 -12.08 15.94 3.40
N MET B 198 -13.00 16.60 4.09
CA MET B 198 -14.27 16.98 3.45
C MET B 198 -14.00 18.09 2.43
N GLY B 199 -13.01 18.93 2.71
CA GLY B 199 -12.66 20.00 1.79
C GLY B 199 -12.19 19.39 0.48
N SER B 200 -11.26 18.45 0.59
CA SER B 200 -10.70 17.77 -0.57
C SER B 200 -11.81 17.11 -1.39
N VAL B 201 -12.69 16.38 -0.73
CA VAL B 201 -13.79 15.70 -1.41
C VAL B 201 -14.56 16.65 -2.32
N TYR B 202 -15.10 17.71 -1.74
CA TYR B 202 -15.91 18.64 -2.51
C TYR B 202 -15.25 19.52 -3.54
N SER B 203 -14.02 19.95 -3.30
CA SER B 203 -13.34 20.76 -4.31
C SER B 203 -13.13 19.86 -5.53
N ARG B 204 -12.93 18.56 -5.30
CA ARG B 204 -12.73 17.61 -6.40
C ARG B 204 -13.98 17.53 -7.25
N LEU B 205 -15.13 17.71 -6.61
CA LEU B 205 -16.40 17.63 -7.31
C LEU B 205 -16.92 18.97 -7.85
N GLY B 206 -16.12 20.03 -7.71
CA GLY B 206 -16.52 21.31 -8.25
C GLY B 206 -16.91 22.42 -7.27
N SER B 207 -16.62 22.24 -5.98
CA SER B 207 -16.96 23.25 -4.99
C SER B 207 -15.78 24.17 -4.74
N LYS B 208 -16.07 25.44 -4.48
CA LYS B 208 -15.01 26.40 -4.17
C LYS B 208 -14.90 26.25 -2.66
N VAL B 209 -13.78 25.71 -2.21
CA VAL B 209 -13.58 25.45 -0.78
C VAL B 209 -12.72 26.48 -0.05
N THR B 210 -13.23 26.96 1.07
CA THR B 210 -12.50 27.93 1.87
C THR B 210 -12.36 27.34 3.27
N VAL B 211 -11.14 27.34 3.79
CA VAL B 211 -10.87 26.80 5.12
C VAL B 211 -10.47 27.92 6.07
N VAL B 212 -11.35 28.24 7.02
CA VAL B 212 -11.09 29.29 8.00
C VAL B 212 -10.49 28.65 9.26
N GLU B 213 -9.22 28.92 9.52
CA GLU B 213 -8.53 28.35 10.68
C GLU B 213 -7.94 29.39 11.64
N PHE B 214 -8.24 29.21 12.93
CA PHE B 214 -7.75 30.10 13.97
C PHE B 214 -6.23 30.18 14.00
N GLN B 215 -5.60 29.03 14.10
CA GLN B 215 -4.14 28.92 14.16
C GLN B 215 -3.42 29.41 12.90
N PRO B 216 -2.07 29.50 12.96
CA PRO B 216 -1.25 29.95 11.83
C PRO B 216 -1.20 28.87 10.76
N GLN B 217 -0.72 27.70 11.13
CA GLN B 217 -0.62 26.57 10.23
C GLN B 217 -1.75 25.57 10.52
N ILE B 218 -1.99 24.64 9.61
CA ILE B 218 -3.04 23.65 9.77
C ILE B 218 -2.50 22.30 10.22
N GLY B 219 -3.37 21.29 10.16
CA GLY B 219 -2.99 19.95 10.55
C GLY B 219 -3.14 19.68 12.03
N ALA B 220 -2.49 20.52 12.85
CA ALA B 220 -2.54 20.39 14.30
C ALA B 220 -2.20 18.96 14.71
N SER B 221 -0.93 18.74 15.06
CA SER B 221 -0.41 17.45 15.50
C SER B 221 0.64 16.84 14.59
N MET B 222 0.61 17.16 13.30
CA MET B 222 1.63 16.58 12.42
C MET B 222 2.97 17.29 12.51
N ASP B 223 4.01 16.61 12.05
CA ASP B 223 5.36 17.16 12.06
C ASP B 223 5.35 18.51 11.33
N GLY B 224 6.14 19.46 11.83
CA GLY B 224 6.20 20.79 11.24
C GLY B 224 6.31 20.78 9.73
N GLU B 225 7.35 20.15 9.20
CA GLU B 225 7.54 20.07 7.76
C GLU B 225 6.35 19.42 7.05
N VAL B 226 5.76 18.40 7.68
CA VAL B 226 4.62 17.73 7.07
C VAL B 226 3.42 18.65 7.03
N ALA B 227 3.19 19.37 8.11
CA ALA B 227 2.06 20.29 8.16
C ALA B 227 2.13 21.36 7.07
N LYS B 228 3.30 21.99 6.89
CA LYS B 228 3.41 23.02 5.87
C LYS B 228 3.31 22.43 4.47
N ALA B 229 3.94 21.27 4.26
CA ALA B 229 3.88 20.61 2.96
C ALA B 229 2.45 20.19 2.65
N THR B 230 1.68 19.85 3.68
CA THR B 230 0.28 19.45 3.49
C THR B 230 -0.57 20.62 3.04
N GLN B 231 -0.49 21.73 3.77
CA GLN B 231 -1.24 22.94 3.42
C GLN B 231 -0.82 23.35 2.00
N LYS B 232 0.45 23.12 1.70
CA LYS B 232 1.01 23.47 0.39
C LYS B 232 0.28 22.73 -0.72
N PHE B 233 0.35 21.40 -0.71
CA PHE B 233 -0.31 20.63 -1.77
C PHE B 233 -1.83 20.75 -1.81
N LEU B 234 -2.44 21.08 -0.68
CA LEU B 234 -3.90 21.24 -0.65
C LEU B 234 -4.29 22.53 -1.36
N LYS B 235 -3.51 23.59 -1.12
CA LYS B 235 -3.78 24.88 -1.75
C LYS B 235 -3.57 24.68 -3.25
N LYS B 236 -2.50 23.98 -3.60
CA LYS B 236 -2.17 23.69 -4.98
C LYS B 236 -3.30 22.90 -5.62
N GLN B 237 -4.03 22.15 -4.80
CA GLN B 237 -5.15 21.35 -5.28
C GLN B 237 -6.44 22.15 -5.36
N GLY B 238 -6.40 23.39 -4.91
CA GLY B 238 -7.60 24.22 -4.99
C GLY B 238 -8.23 24.74 -3.71
N LEU B 239 -7.74 24.31 -2.56
CA LEU B 239 -8.31 24.79 -1.30
C LEU B 239 -7.74 26.14 -0.88
N ASP B 240 -8.62 27.04 -0.47
CA ASP B 240 -8.21 28.38 -0.05
C ASP B 240 -8.14 28.44 1.48
N PHE B 241 -6.96 28.74 2.01
CA PHE B 241 -6.79 28.81 3.45
C PHE B 241 -6.73 30.22 4.04
N LYS B 242 -7.54 30.43 5.06
CA LYS B 242 -7.58 31.70 5.77
C LYS B 242 -7.04 31.42 7.17
N LEU B 243 -5.73 31.48 7.31
CA LEU B 243 -5.07 31.23 8.58
C LEU B 243 -5.31 32.40 9.56
N SER B 244 -4.87 32.21 10.79
CA SER B 244 -5.02 33.22 11.84
C SER B 244 -6.33 34.00 11.69
N THR B 245 -7.41 33.29 11.39
CA THR B 245 -8.72 33.91 11.22
C THR B 245 -9.76 33.17 12.05
N LYS B 246 -10.56 33.92 12.81
CA LYS B 246 -11.59 33.31 13.64
C LYS B 246 -13.00 33.51 13.15
N VAL B 247 -13.73 32.42 12.97
CA VAL B 247 -15.12 32.50 12.55
C VAL B 247 -15.84 33.01 13.80
N ILE B 248 -16.68 34.02 13.63
CA ILE B 248 -17.40 34.61 14.76
C ILE B 248 -18.84 34.12 14.85
N SER B 249 -19.58 34.22 13.75
CA SER B 249 -20.97 33.78 13.72
C SER B 249 -21.37 33.38 12.32
N ALA B 250 -22.63 32.99 12.17
CA ALA B 250 -23.15 32.57 10.88
C ALA B 250 -24.60 32.17 11.04
N LYS B 251 -25.37 32.40 9.98
CA LYS B 251 -26.77 32.07 9.97
C LYS B 251 -27.25 31.95 8.54
N ARG B 252 -28.16 31.03 8.30
CA ARG B 252 -28.69 30.80 6.96
C ARG B 252 -29.60 31.93 6.50
N ASN B 253 -29.30 32.45 5.31
CA ASN B 253 -30.08 33.51 4.69
C ASN B 253 -30.99 32.84 3.67
N ASP B 254 -32.12 32.34 4.14
CA ASP B 254 -33.08 31.63 3.29
C ASP B 254 -33.52 32.39 2.03
N ASP B 255 -33.72 33.69 2.15
CA ASP B 255 -34.14 34.47 0.99
C ASP B 255 -33.08 34.40 -0.10
N LYS B 256 -31.82 34.63 0.28
CA LYS B 256 -30.71 34.62 -0.66
C LYS B 256 -30.08 33.22 -0.81
N ASN B 257 -30.63 32.25 -0.09
CA ASN B 257 -30.14 30.87 -0.13
C ASN B 257 -28.61 30.84 -0.04
N VAL B 258 -28.07 31.47 0.99
CA VAL B 258 -26.64 31.54 1.20
C VAL B 258 -26.35 31.70 2.69
N VAL B 259 -25.27 31.10 3.16
CA VAL B 259 -24.91 31.20 4.57
C VAL B 259 -23.98 32.39 4.77
N GLU B 260 -24.43 33.36 5.55
CA GLU B 260 -23.63 34.55 5.80
C GLU B 260 -22.69 34.27 6.98
N ILE B 261 -21.40 34.41 6.74
CA ILE B 261 -20.40 34.16 7.76
C ILE B 261 -19.67 35.44 8.18
N VAL B 262 -19.13 35.44 9.38
CA VAL B 262 -18.40 36.58 9.90
C VAL B 262 -17.10 36.10 10.53
N VAL B 263 -15.98 36.51 9.95
CA VAL B 263 -14.68 36.11 10.49
C VAL B 263 -13.93 37.31 11.06
N GLU B 264 -12.82 37.02 11.72
CA GLU B 264 -12.00 38.07 12.33
C GLU B 264 -10.53 37.68 12.31
N ASP B 265 -9.71 38.47 11.63
CA ASP B 265 -8.29 38.18 11.56
C ASP B 265 -7.64 38.48 12.91
N THR B 266 -6.96 37.48 13.47
CA THR B 266 -6.31 37.65 14.77
C THR B 266 -5.11 38.59 14.72
N LYS B 267 -4.44 38.65 13.58
CA LYS B 267 -3.27 39.51 13.41
C LYS B 267 -3.66 40.96 13.13
N THR B 268 -4.89 41.33 13.49
CA THR B 268 -5.38 42.69 13.26
C THR B 268 -6.74 42.91 13.90
N ASN B 269 -7.30 41.87 14.51
CA ASN B 269 -8.62 41.96 15.15
C ASN B 269 -9.60 42.67 14.23
N LYS B 270 -9.33 42.61 12.93
CA LYS B 270 -10.17 43.24 11.90
C LYS B 270 -11.26 42.26 11.44
N GLN B 271 -12.51 42.63 11.67
CA GLN B 271 -13.64 41.79 11.29
C GLN B 271 -13.87 41.78 9.77
N GLU B 272 -14.54 40.74 9.29
CA GLU B 272 -14.83 40.59 7.87
C GLU B 272 -16.04 39.69 7.63
N ASN B 273 -16.70 39.86 6.48
CA ASN B 273 -17.87 39.06 6.12
C ASN B 273 -17.59 38.13 4.95
N LEU B 274 -18.14 36.92 5.01
CA LEU B 274 -17.99 35.92 3.96
C LEU B 274 -19.32 35.25 3.70
N GLU B 275 -19.38 34.45 2.64
CA GLU B 275 -20.60 33.74 2.26
C GLU B 275 -20.30 32.38 1.63
N ALA B 276 -21.24 31.45 1.78
CA ALA B 276 -21.09 30.11 1.22
C ALA B 276 -22.46 29.45 1.21
N GLU B 277 -22.72 28.63 0.19
CA GLU B 277 -24.00 27.94 0.08
C GLU B 277 -24.14 26.86 1.15
N VAL B 278 -23.01 26.38 1.64
CA VAL B 278 -22.95 25.36 2.69
C VAL B 278 -21.77 25.65 3.60
N LEU B 279 -22.03 25.65 4.90
CA LEU B 279 -20.99 25.90 5.90
C LEU B 279 -20.72 24.64 6.72
N LEU B 280 -19.47 24.23 6.79
CA LEU B 280 -19.13 23.04 7.56
C LEU B 280 -18.54 23.45 8.89
N VAL B 281 -19.17 23.00 9.97
CA VAL B 281 -18.70 23.30 11.32
C VAL B 281 -17.83 22.14 11.82
N ALA B 282 -16.52 22.30 11.77
CA ALA B 282 -15.60 21.25 12.22
C ALA B 282 -14.60 21.75 13.26
N VAL B 283 -15.11 22.20 14.41
CA VAL B 283 -14.25 22.70 15.47
C VAL B 283 -13.87 21.63 16.49
N GLY B 284 -13.84 20.38 16.03
CA GLY B 284 -13.46 19.29 16.91
C GLY B 284 -14.57 18.38 17.40
N ARG B 285 -14.19 17.42 18.22
CA ARG B 285 -15.10 16.44 18.80
C ARG B 285 -14.78 16.30 20.28
N ARG B 286 -15.78 15.96 21.08
CA ARG B 286 -15.58 15.82 22.51
C ARG B 286 -16.27 14.55 23.07
N PRO B 287 -15.92 14.15 24.29
CA PRO B 287 -16.49 12.96 24.94
C PRO B 287 -18.01 13.03 25.09
N TYR B 288 -18.66 11.87 25.02
CA TYR B 288 -20.11 11.83 25.16
C TYR B 288 -20.53 10.87 26.26
N ILE B 289 -21.18 11.39 27.30
CA ILE B 289 -21.65 10.57 28.41
C ILE B 289 -23.10 10.89 28.76
N ALA B 290 -23.77 11.68 27.92
CA ALA B 290 -25.16 12.05 28.18
C ALA B 290 -26.05 10.82 28.27
N GLY B 291 -26.86 10.79 29.33
CA GLY B 291 -27.77 9.68 29.55
C GLY B 291 -27.11 8.41 30.10
N LEU B 292 -25.82 8.51 30.43
CA LEU B 292 -25.11 7.35 30.97
C LEU B 292 -25.43 7.12 32.44
N GLY B 293 -25.64 8.19 33.18
CA GLY B 293 -25.91 8.06 34.60
C GLY B 293 -24.62 8.03 35.37
N ALA B 294 -23.55 8.51 34.76
CA ALA B 294 -22.24 8.53 35.40
C ALA B 294 -22.26 9.42 36.65
N GLU B 295 -23.02 10.50 36.58
CA GLU B 295 -23.12 11.44 37.69
C GLU B 295 -23.81 10.78 38.88
N LYS B 296 -24.71 9.83 38.60
CA LYS B 296 -25.42 9.14 39.67
C LYS B 296 -24.49 8.40 40.61
N ILE B 297 -23.48 7.72 40.04
CA ILE B 297 -22.56 6.96 40.87
C ILE B 297 -21.23 7.64 41.22
N GLY B 298 -21.08 8.89 40.80
CA GLY B 298 -19.87 9.62 41.13
C GLY B 298 -18.65 9.43 40.24
N LEU B 299 -18.83 8.79 39.08
CA LEU B 299 -17.72 8.58 38.15
C LEU B 299 -16.97 9.89 37.87
N GLU B 300 -15.66 9.89 38.07
CA GLU B 300 -14.86 11.09 37.85
C GLU B 300 -14.84 11.57 36.40
N VAL B 301 -15.15 12.85 36.20
CA VAL B 301 -15.15 13.47 34.87
C VAL B 301 -14.23 14.68 34.94
N ASP B 302 -13.13 14.66 34.18
CA ASP B 302 -12.20 15.77 34.22
C ASP B 302 -12.76 17.04 33.58
N LYS B 303 -11.98 18.12 33.68
CA LYS B 303 -12.40 19.42 33.15
C LYS B 303 -12.57 19.48 31.65
N ARG B 304 -12.24 18.41 30.95
CA ARG B 304 -12.39 18.39 29.50
C ARG B 304 -13.59 17.53 29.14
N GLY B 305 -14.27 17.02 30.16
CA GLY B 305 -15.43 16.19 29.93
C GLY B 305 -15.11 14.72 29.71
N ARG B 306 -13.87 14.34 29.96
CA ARG B 306 -13.47 12.95 29.77
C ARG B 306 -13.58 12.12 31.05
N LEU B 307 -13.96 10.86 30.89
CA LEU B 307 -14.07 9.96 32.03
C LEU B 307 -12.65 9.56 32.43
N VAL B 308 -12.28 9.88 33.65
CA VAL B 308 -10.95 9.59 34.16
C VAL B 308 -10.74 8.11 34.44
N ILE B 309 -9.57 7.62 34.05
CA ILE B 309 -9.20 6.23 34.25
C ILE B 309 -7.74 6.17 34.66
N ASP B 310 -7.30 4.99 35.10
CA ASP B 310 -5.91 4.78 35.47
C ASP B 310 -5.27 4.02 34.29
N ASP B 311 -4.02 3.59 34.43
CA ASP B 311 -3.35 2.88 33.35
C ASP B 311 -3.96 1.51 33.02
N GLN B 312 -4.97 1.10 33.78
CA GLN B 312 -5.61 -0.18 33.52
C GLN B 312 -7.06 0.02 33.06
N PHE B 313 -7.35 1.25 32.65
CA PHE B 313 -8.68 1.62 32.18
C PHE B 313 -9.75 1.63 33.26
N ASN B 314 -9.34 1.55 34.53
CA ASN B 314 -10.29 1.56 35.62
C ASN B 314 -10.77 2.95 36.03
N SER B 315 -12.03 3.02 36.43
CA SER B 315 -12.64 4.25 36.92
C SER B 315 -12.39 4.14 38.42
N LYS B 316 -13.07 4.94 39.23
CA LYS B 316 -12.89 4.87 40.68
C LYS B 316 -13.38 3.50 41.18
N PHE B 317 -14.23 2.85 40.40
CA PHE B 317 -14.75 1.52 40.73
C PHE B 317 -13.94 0.51 39.92
N PRO B 318 -13.27 -0.44 40.60
CA PRO B 318 -12.45 -1.46 39.97
C PRO B 318 -13.12 -2.38 38.94
N HIS B 319 -14.45 -2.52 39.02
CA HIS B 319 -15.17 -3.37 38.10
C HIS B 319 -15.78 -2.58 36.93
N ILE B 320 -15.47 -1.30 36.86
CA ILE B 320 -15.99 -0.47 35.77
C ILE B 320 -14.84 0.17 34.99
N LYS B 321 -14.63 -0.32 33.78
CA LYS B 321 -13.58 0.20 32.91
C LYS B 321 -14.14 1.15 31.86
N VAL B 322 -13.29 2.05 31.37
CA VAL B 322 -13.68 3.02 30.35
C VAL B 322 -12.65 3.00 29.23
N VAL B 323 -13.14 2.94 27.99
CA VAL B 323 -12.29 2.86 26.81
C VAL B 323 -12.77 3.72 25.64
N GLY B 324 -11.83 4.05 24.75
CA GLY B 324 -12.16 4.82 23.56
C GLY B 324 -12.23 6.34 23.65
N ASP B 325 -12.92 6.93 22.68
CA ASP B 325 -13.09 8.37 22.58
C ASP B 325 -13.63 9.04 23.84
N VAL B 326 -14.37 8.31 24.66
CA VAL B 326 -14.92 8.91 25.87
C VAL B 326 -13.85 9.21 26.92
N THR B 327 -12.66 8.64 26.75
CA THR B 327 -11.59 8.85 27.71
C THR B 327 -10.29 9.43 27.12
N PHE B 328 -9.18 9.25 27.82
CA PHE B 328 -7.89 9.79 27.39
C PHE B 328 -7.33 9.20 26.10
N GLY B 329 -6.40 9.94 25.49
CA GLY B 329 -5.75 9.48 24.29
C GLY B 329 -6.33 10.03 23.00
N PRO B 330 -5.62 9.83 21.88
CA PRO B 330 -6.12 10.33 20.59
C PRO B 330 -7.46 9.69 20.25
N MET B 331 -8.33 10.48 19.64
CA MET B 331 -9.66 10.03 19.25
C MET B 331 -9.63 9.40 17.87
N LEU B 332 -9.10 8.17 17.83
CA LEU B 332 -8.95 7.40 16.60
C LEU B 332 -9.60 6.03 16.79
N ALA B 333 -10.11 5.47 15.70
CA ALA B 333 -10.77 4.17 15.74
C ALA B 333 -9.83 3.01 16.10
N HIS B 334 -8.63 2.99 15.53
CA HIS B 334 -7.72 1.90 15.85
C HIS B 334 -7.28 1.97 17.30
N LYS B 335 -7.20 3.19 17.84
CA LYS B 335 -6.82 3.31 19.25
C LYS B 335 -7.95 2.77 20.10
N ALA B 336 -9.18 3.13 19.73
CA ALA B 336 -10.37 2.68 20.47
C ALA B 336 -10.48 1.16 20.48
N GLU B 337 -10.22 0.53 19.33
CA GLU B 337 -10.30 -0.92 19.21
C GLU B 337 -9.30 -1.65 20.12
N GLU B 338 -8.05 -1.20 20.13
CA GLU B 338 -7.06 -1.88 20.95
C GLU B 338 -7.31 -1.69 22.45
N GLU B 339 -7.93 -0.57 22.83
CA GLU B 339 -8.25 -0.35 24.23
C GLU B 339 -9.38 -1.29 24.64
N GLY B 340 -10.34 -1.48 23.73
CA GLY B 340 -11.44 -2.38 24.02
C GLY B 340 -10.90 -3.78 24.25
N ILE B 341 -9.97 -4.19 23.39
CA ILE B 341 -9.35 -5.50 23.52
C ILE B 341 -8.49 -5.61 24.78
N ALA B 342 -7.66 -4.60 25.02
CA ALA B 342 -6.80 -4.59 26.20
C ALA B 342 -7.61 -4.69 27.49
N ALA B 343 -8.71 -3.94 27.56
CA ALA B 343 -9.55 -3.97 28.74
C ALA B 343 -10.09 -5.37 29.00
N VAL B 344 -10.59 -6.02 27.96
CA VAL B 344 -11.13 -7.37 28.13
C VAL B 344 -10.05 -8.41 28.44
N GLU B 345 -8.89 -8.31 27.81
CA GLU B 345 -7.83 -9.27 28.10
C GLU B 345 -7.45 -9.15 29.56
N MET B 346 -7.52 -7.93 30.09
CA MET B 346 -7.22 -7.68 31.49
C MET B 346 -8.18 -8.45 32.39
N LEU B 347 -9.45 -8.43 32.03
CA LEU B 347 -10.48 -9.13 32.81
C LEU B 347 -10.20 -10.62 32.85
N LYS B 348 -9.71 -11.15 31.73
CA LYS B 348 -9.42 -12.57 31.59
C LYS B 348 -8.10 -13.02 32.18
N THR B 349 -7.02 -12.34 31.84
CA THR B 349 -5.68 -12.72 32.31
C THR B 349 -5.09 -11.84 33.38
N GLY B 350 -5.75 -10.74 33.70
CA GLY B 350 -5.22 -9.85 34.71
C GLY B 350 -4.28 -8.80 34.16
N HIS B 351 -3.96 -8.88 32.87
CA HIS B 351 -3.07 -7.90 32.26
C HIS B 351 -3.36 -7.62 30.77
N GLY B 352 -2.97 -6.43 30.34
CA GLY B 352 -3.17 -6.03 28.96
C GLY B 352 -2.30 -4.82 28.71
N HIS B 353 -2.13 -4.42 27.46
CA HIS B 353 -1.28 -3.27 27.18
C HIS B 353 -1.57 -2.57 25.86
N VAL B 354 -1.43 -1.24 25.87
CA VAL B 354 -1.61 -0.41 24.69
C VAL B 354 -0.37 0.48 24.58
N ASN B 355 0.24 0.52 23.41
CA ASN B 355 1.45 1.32 23.20
C ASN B 355 1.12 2.70 22.62
N TYR B 356 0.90 3.65 23.52
CA TYR B 356 0.57 5.01 23.12
C TYR B 356 1.68 5.76 22.40
N ASN B 357 2.85 5.13 22.31
CA ASN B 357 4.00 5.73 21.62
C ASN B 357 4.07 5.21 20.20
N ASN B 358 3.06 4.44 19.80
CA ASN B 358 3.08 3.86 18.47
C ASN B 358 1.70 3.81 17.85
N ILE B 359 0.92 4.87 18.01
CA ILE B 359 -0.41 4.93 17.41
C ILE B 359 -0.31 5.84 16.19
N PRO B 360 -0.54 5.29 15.00
CA PRO B 360 -0.44 6.13 13.80
C PRO B 360 -1.62 7.07 13.57
N SER B 361 -1.37 8.14 12.83
CA SER B 361 -2.41 9.10 12.49
C SER B 361 -2.39 9.16 10.98
N VAL B 362 -3.58 9.24 10.37
CA VAL B 362 -3.65 9.28 8.92
C VAL B 362 -4.76 10.16 8.38
N MET B 363 -4.44 10.93 7.34
CA MET B 363 -5.42 11.77 6.66
C MET B 363 -5.52 11.14 5.28
N TYR B 364 -6.74 10.80 4.88
CA TYR B 364 -6.94 10.12 3.60
C TYR B 364 -7.16 10.94 2.36
N SER B 365 -6.39 12.02 2.26
CA SER B 365 -6.42 12.91 1.11
C SER B 365 -5.52 12.22 0.09
N HIS B 366 -5.30 12.86 -1.05
CA HIS B 366 -4.36 12.32 -2.02
C HIS B 366 -3.44 13.45 -2.45
N PRO B 367 -2.13 13.31 -2.17
CA PRO B 367 -1.54 12.16 -1.49
C PRO B 367 -2.03 12.04 -0.05
N GLU B 368 -1.91 10.85 0.51
CA GLU B 368 -2.32 10.64 1.89
C GLU B 368 -1.21 11.15 2.78
N VAL B 369 -1.53 11.43 4.03
CA VAL B 369 -0.55 11.91 4.98
C VAL B 369 -0.64 11.00 6.20
N ALA B 370 0.48 10.37 6.54
CA ALA B 370 0.49 9.46 7.67
C ALA B 370 1.76 9.62 8.48
N TRP B 371 1.64 9.43 9.78
CA TRP B 371 2.80 9.54 10.65
C TRP B 371 2.61 8.74 11.93
N VAL B 372 3.71 8.36 12.55
CA VAL B 372 3.65 7.60 13.79
C VAL B 372 4.94 7.83 14.54
N GLY B 373 4.86 7.86 15.87
CA GLY B 373 6.06 8.10 16.66
C GLY B 373 6.24 9.58 16.91
N LYS B 374 7.48 10.01 17.12
CA LYS B 374 7.78 11.41 17.43
C LYS B 374 8.05 12.33 16.24
N THR B 375 7.59 13.58 16.35
CA THR B 375 7.81 14.59 15.32
C THR B 375 9.15 15.25 15.63
N GLU B 376 9.56 16.20 14.80
CA GLU B 376 10.82 16.88 15.05
C GLU B 376 10.67 17.86 16.21
N GLU B 377 9.52 18.53 16.28
CA GLU B 377 9.25 19.48 17.35
C GLU B 377 9.28 18.81 18.73
N GLN B 378 8.79 17.58 18.79
CA GLN B 378 8.77 16.84 20.04
C GLN B 378 10.17 16.35 20.45
N LEU B 379 10.98 15.96 19.47
CA LEU B 379 12.33 15.50 19.78
C LEU B 379 13.18 16.66 20.26
N LYS B 380 13.03 17.81 19.60
CA LYS B 380 13.79 19.00 19.96
C LYS B 380 13.39 19.49 21.35
N GLU B 381 12.08 19.68 21.54
CA GLU B 381 11.58 20.15 22.83
C GLU B 381 11.96 19.21 23.97
N ALA B 382 12.46 18.03 23.62
CA ALA B 382 12.86 17.04 24.62
C ALA B 382 14.38 16.92 24.66
N GLY B 383 15.06 17.75 23.88
CA GLY B 383 16.51 17.73 23.84
C GLY B 383 17.10 16.42 23.35
N ILE B 384 16.41 15.77 22.42
CA ILE B 384 16.88 14.51 21.87
C ILE B 384 17.80 14.77 20.67
N ASP B 385 18.95 14.11 20.64
CA ASP B 385 19.89 14.27 19.54
C ASP B 385 19.47 13.26 18.48
N TYR B 386 19.05 13.75 17.32
CA TYR B 386 18.58 12.85 16.26
C TYR B 386 19.09 13.21 14.86
N LYS B 387 18.92 12.26 13.94
CA LYS B 387 19.32 12.43 12.55
C LYS B 387 18.09 12.23 11.66
N ILE B 388 18.10 12.87 10.50
CA ILE B 388 16.98 12.78 9.57
C ILE B 388 17.34 11.99 8.31
N GLY B 389 16.36 11.25 7.82
CA GLY B 389 16.52 10.46 6.61
C GLY B 389 15.31 10.75 5.74
N LYS B 390 15.54 11.28 4.55
CA LYS B 390 14.43 11.63 3.68
C LYS B 390 14.61 11.12 2.25
N PHE B 391 13.51 10.65 1.66
CA PHE B 391 13.52 10.15 0.29
C PHE B 391 12.23 10.60 -0.40
N PRO B 392 12.35 11.31 -1.53
CA PRO B 392 11.19 11.79 -2.27
C PRO B 392 10.62 10.74 -3.21
N PHE B 393 9.30 10.70 -3.36
CA PHE B 393 8.70 9.73 -4.26
C PHE B 393 9.03 10.04 -5.72
N ALA B 394 9.45 11.28 -5.98
CA ALA B 394 9.82 11.67 -7.33
C ALA B 394 11.01 10.82 -7.78
N ALA B 395 11.74 10.25 -6.82
CA ALA B 395 12.88 9.40 -7.10
C ALA B 395 12.51 7.91 -7.00
N ASN B 396 11.21 7.63 -6.87
CA ASN B 396 10.73 6.24 -6.76
C ASN B 396 10.20 5.78 -8.11
N SER B 397 10.72 4.65 -8.61
CA SER B 397 10.31 4.12 -9.90
C SER B 397 8.82 3.84 -10.02
N ARG B 398 8.25 3.21 -9.00
CA ARG B 398 6.82 2.88 -9.03
C ARG B 398 6.00 4.16 -9.11
N ALA B 399 6.31 5.11 -8.24
CA ALA B 399 5.58 6.38 -8.23
C ALA B 399 5.66 7.00 -9.62
N LYS B 400 6.87 7.07 -10.18
CA LYS B 400 7.08 7.65 -11.51
C LYS B 400 6.25 6.92 -12.58
N THR B 401 6.20 5.59 -12.48
CA THR B 401 5.44 4.77 -13.42
C THR B 401 3.95 5.12 -13.35
N ASN B 402 3.50 5.43 -12.14
CA ASN B 402 2.10 5.79 -11.94
C ASN B 402 1.83 7.26 -12.33
N GLN B 403 2.88 7.99 -12.66
CA GLN B 403 2.74 9.40 -13.01
C GLN B 403 2.04 10.07 -11.82
N ASP B 404 2.54 9.77 -10.63
CA ASP B 404 2.00 10.28 -9.38
C ASP B 404 3.16 10.23 -8.38
N THR B 405 4.01 11.26 -8.42
CA THR B 405 5.20 11.29 -7.59
C THR B 405 5.28 12.34 -6.48
N GLU B 406 4.14 12.87 -6.06
CA GLU B 406 4.14 13.88 -5.02
C GLU B 406 4.36 13.29 -3.62
N GLY B 407 5.19 13.98 -2.83
CA GLY B 407 5.44 13.52 -1.47
C GLY B 407 6.83 13.00 -1.15
N PHE B 408 7.00 12.54 0.09
CA PHE B 408 8.28 12.02 0.55
C PHE B 408 8.10 11.19 1.81
N VAL B 409 9.16 10.51 2.21
CA VAL B 409 9.17 9.70 3.41
C VAL B 409 10.26 10.31 4.28
N LYS B 410 9.94 10.60 5.54
CA LYS B 410 10.95 11.14 6.45
C LYS B 410 11.12 10.28 7.70
N ILE B 411 12.33 9.77 7.90
CA ILE B 411 12.62 8.93 9.06
C ILE B 411 13.49 9.67 10.07
N LEU B 412 13.06 9.65 11.32
CA LEU B 412 13.77 10.29 12.42
C LEU B 412 14.39 9.22 13.32
N ILE B 413 15.71 9.27 13.49
CA ILE B 413 16.40 8.28 14.30
C ILE B 413 17.28 8.91 15.38
N ASP B 414 17.69 8.08 16.34
CA ASP B 414 18.56 8.53 17.42
C ASP B 414 19.99 8.58 16.87
N SER B 415 20.62 9.75 16.92
CA SER B 415 21.98 9.90 16.41
C SER B 415 22.94 8.93 17.08
N LYS B 416 22.63 8.58 18.32
CA LYS B 416 23.45 7.68 19.13
C LYS B 416 23.23 6.22 18.78
N THR B 417 22.02 5.72 19.03
CA THR B 417 21.66 4.33 18.77
C THR B 417 21.16 4.04 17.35
N GLU B 418 20.74 5.09 16.65
CA GLU B 418 20.21 4.98 15.30
C GLU B 418 18.86 4.25 15.28
N ARG B 419 18.20 4.23 16.44
CA ARG B 419 16.90 3.61 16.57
C ARG B 419 15.85 4.56 16.01
N ILE B 420 14.88 4.01 15.28
CA ILE B 420 13.81 4.82 14.70
C ILE B 420 12.97 5.45 15.82
N LEU B 421 12.82 6.77 15.78
CA LEU B 421 12.04 7.48 16.79
C LEU B 421 10.73 7.99 16.21
N GLY B 422 10.68 8.14 14.89
CA GLY B 422 9.47 8.62 14.26
C GLY B 422 9.51 8.47 12.75
N ALA B 423 8.33 8.39 12.14
CA ALA B 423 8.22 8.27 10.70
C ALA B 423 7.10 9.16 10.21
N HIS B 424 7.35 9.89 9.14
CA HIS B 424 6.35 10.78 8.58
C HIS B 424 6.33 10.60 7.08
N ILE B 425 5.14 10.45 6.53
CA ILE B 425 5.00 10.21 5.11
C ILE B 425 3.86 10.96 4.45
N ILE B 426 4.14 11.47 3.25
CA ILE B 426 3.13 12.12 2.44
C ILE B 426 3.33 11.43 1.10
N GLY B 427 2.39 10.58 0.71
CA GLY B 427 2.53 9.86 -0.54
C GLY B 427 1.25 9.21 -0.99
N PRO B 428 1.25 8.63 -2.19
CA PRO B 428 0.06 7.97 -2.75
C PRO B 428 -0.56 6.87 -1.88
N ASN B 429 0.23 6.22 -1.03
CA ASN B 429 -0.33 5.17 -0.17
C ASN B 429 0.19 5.28 1.26
N ALA B 430 0.49 6.51 1.67
CA ALA B 430 1.03 6.76 3.01
C ALA B 430 0.33 5.97 4.10
N GLY B 431 -1.00 5.93 4.05
CA GLY B 431 -1.76 5.21 5.06
C GLY B 431 -1.42 3.74 5.22
N GLU B 432 -1.06 3.09 4.11
CA GLU B 432 -0.70 1.67 4.15
C GLU B 432 0.77 1.52 4.48
N MET B 433 1.61 2.34 3.87
CA MET B 433 3.05 2.27 4.09
C MET B 433 3.43 2.45 5.54
N ILE B 434 2.67 3.29 6.25
CA ILE B 434 2.96 3.57 7.65
C ILE B 434 2.96 2.32 8.54
N ALA B 435 2.31 1.26 8.09
CA ALA B 435 2.28 0.00 8.85
C ALA B 435 3.71 -0.51 9.03
N GLU B 436 4.56 -0.26 8.04
CA GLU B 436 5.95 -0.69 8.10
C GLU B 436 6.67 -0.04 9.29
N ALA B 437 6.47 1.27 9.44
CA ALA B 437 7.10 2.02 10.53
C ALA B 437 6.54 1.54 11.86
N GLY B 438 5.28 1.14 11.86
CA GLY B 438 4.66 0.66 13.07
C GLY B 438 5.32 -0.61 13.58
N LEU B 439 5.63 -1.53 12.67
CA LEU B 439 6.27 -2.78 13.03
C LEU B 439 7.70 -2.54 13.53
N ALA B 440 8.42 -1.66 12.82
CA ALA B 440 9.78 -1.34 13.19
C ALA B 440 9.82 -0.70 14.57
N LEU B 441 8.97 0.30 14.76
CA LEU B 441 8.88 1.02 16.02
C LEU B 441 8.53 0.07 17.17
N GLU B 442 7.52 -0.77 16.98
CA GLU B 442 7.08 -1.72 17.99
C GLU B 442 8.21 -2.63 18.46
N TYR B 443 9.10 -3.01 17.55
CA TYR B 443 10.22 -3.89 17.88
C TYR B 443 11.50 -3.12 18.21
N GLY B 444 11.44 -1.79 18.14
CA GLY B 444 12.60 -0.98 18.43
C GLY B 444 13.70 -1.12 17.38
N ALA B 445 13.30 -1.35 16.13
CA ALA B 445 14.26 -1.52 15.05
C ALA B 445 15.06 -0.25 14.76
N SER B 446 16.19 -0.42 14.08
CA SER B 446 17.04 0.71 13.71
C SER B 446 16.81 1.00 12.22
N ALA B 447 17.26 2.16 11.77
CA ALA B 447 17.10 2.52 10.37
C ALA B 447 17.81 1.48 9.51
N GLU B 448 18.94 0.97 9.99
CA GLU B 448 19.67 -0.05 9.25
C GLU B 448 18.89 -1.36 9.26
N ASP B 449 18.16 -1.61 10.34
CA ASP B 449 17.36 -2.82 10.44
C ASP B 449 16.35 -2.85 9.27
N VAL B 450 15.80 -1.70 8.95
CA VAL B 450 14.82 -1.61 7.87
C VAL B 450 15.52 -1.59 6.51
N ALA B 451 16.56 -0.78 6.41
CA ALA B 451 17.32 -0.66 5.17
C ALA B 451 17.79 -2.00 4.62
N ARG B 452 18.19 -2.91 5.50
CA ARG B 452 18.69 -4.22 5.11
C ARG B 452 17.61 -5.22 4.63
N VAL B 453 16.35 -4.92 4.88
CA VAL B 453 15.29 -5.83 4.46
C VAL B 453 15.00 -5.65 2.98
N CYS B 454 15.03 -6.74 2.23
CA CYS B 454 14.77 -6.71 0.80
C CYS B 454 13.33 -6.32 0.50
N HIS B 455 13.12 -5.19 -0.16
CA HIS B 455 11.78 -4.74 -0.51
C HIS B 455 11.54 -5.01 -2.00
N ALA B 456 10.34 -5.47 -2.34
CA ALA B 456 10.01 -5.78 -3.72
C ALA B 456 10.12 -4.59 -4.68
N HIS B 457 10.56 -4.87 -5.90
CA HIS B 457 10.73 -3.85 -6.93
C HIS B 457 9.82 -4.14 -8.13
N PRO B 458 9.15 -3.11 -8.67
CA PRO B 458 9.20 -1.73 -8.21
C PRO B 458 7.96 -1.40 -7.36
N THR B 459 8.17 -1.00 -6.12
CA THR B 459 7.05 -0.65 -5.23
C THR B 459 7.31 0.67 -4.52
N LEU B 460 6.23 1.28 -4.04
CA LEU B 460 6.35 2.54 -3.32
C LEU B 460 7.13 2.28 -2.03
N SER B 461 6.96 1.09 -1.47
CA SER B 461 7.61 0.72 -0.23
C SER B 461 9.13 0.89 -0.29
N GLU B 462 9.70 0.85 -1.49
CA GLU B 462 11.15 1.03 -1.64
C GLU B 462 11.58 2.42 -1.15
N ALA B 463 10.66 3.38 -1.18
CA ALA B 463 10.96 4.73 -0.72
C ALA B 463 11.21 4.68 0.79
N PHE B 464 10.45 3.83 1.47
CA PHE B 464 10.58 3.69 2.92
C PHE B 464 11.93 3.05 3.20
N LYS B 465 12.32 2.11 2.37
CA LYS B 465 13.61 1.43 2.53
C LYS B 465 14.74 2.45 2.36
N GLU B 466 14.72 3.18 1.25
CA GLU B 466 15.76 4.17 0.98
C GLU B 466 15.80 5.33 1.98
N ALA B 467 14.65 5.70 2.54
CA ALA B 467 14.61 6.79 3.51
C ALA B 467 15.33 6.37 4.78
N ASN B 468 15.25 5.08 5.13
CA ASN B 468 15.94 4.60 6.32
C ASN B 468 17.45 4.53 6.03
N MET B 469 17.80 4.21 4.79
CA MET B 469 19.21 4.14 4.40
C MET B 469 19.81 5.54 4.56
N ALA B 470 19.04 6.55 4.17
CA ALA B 470 19.49 7.93 4.25
C ALA B 470 19.61 8.44 5.68
N ALA B 471 18.94 7.78 6.61
CA ALA B 471 18.97 8.21 8.01
C ALA B 471 20.29 7.88 8.71
N TYR B 472 20.83 6.69 8.46
CA TYR B 472 22.07 6.26 9.10
C TYR B 472 23.25 6.14 8.15
N ASP B 473 23.00 6.21 6.85
CA ASP B 473 24.06 6.09 5.86
C ASP B 473 23.72 6.99 4.67
N LYS B 474 23.51 6.39 3.50
CA LYS B 474 23.18 7.16 2.31
C LYS B 474 22.21 6.36 1.46
N ALA B 475 21.27 7.06 0.82
CA ALA B 475 20.31 6.39 -0.04
C ALA B 475 21.04 6.05 -1.32
N ILE B 476 20.48 5.14 -2.12
CA ILE B 476 21.13 4.79 -3.37
C ILE B 476 20.56 5.58 -4.54
N HIS B 477 19.24 5.73 -4.58
CA HIS B 477 18.59 6.41 -5.70
C HIS B 477 18.35 7.92 -5.65
N CYS B 478 19.07 8.63 -4.79
CA CYS B 478 18.94 10.07 -4.75
C CYS B 478 20.19 10.72 -4.17
#